data_8UO9
#
_entry.id   8UO9
#
_cell.length_a   1.00
_cell.length_b   1.00
_cell.length_c   1.00
_cell.angle_alpha   90.00
_cell.angle_beta   90.00
_cell.angle_gamma   90.00
#
_symmetry.space_group_name_H-M   'P 1'
#
loop_
_entity.id
_entity.type
_entity.pdbx_description
1 polymer 'Synaptic vesicle glycoprotein 2A'
2 polymer Nanobody
3 branched beta-D-mannopyranose-(1-4)-2-acetamido-2-deoxy-beta-D-glucopyranose-(1-4)-2-acetamido-2-deoxy-beta-D-glucopyranose
4 branched 2-acetamido-2-deoxy-beta-D-glucopyranose-(1-4)-2-acetamido-2-deoxy-beta-D-glucopyranose
5 non-polymer (4S)-1-{[(4S)-2-(methoxymethyl)-6-(trifluoromethyl)imidazo[2,1-b][1,3,4]thiadiazol-5-yl]methyl}-4-(4,4,4-trifluorobutyl)pyrrolidin-2-one
6 non-polymer 'CHOLESTEROL HEMISUCCINATE'
7 non-polymer 1,2-DIDECANOYL-SN-GLYCERO-3-[PHOSPHO-L-SERINE]
#
loop_
_entity_poly.entity_id
_entity_poly.type
_entity_poly.pdbx_seq_one_letter_code
_entity_poly.pdbx_strand_id
1 'polypeptide(L)'
;MGYYRGEGTQDEEEGGASSDATEGHDEDDEIYEGEYQGIPRAESGGKGERMADGAPLAGVRGGLSDGEGPPGGRGEAQRR
KEREELAQQYEAILRECGHGRFQWTLYFVLGLALMADGVEVFVVGFVLPSAEKDMCLSDSNKGMLGLIVYLGMMVGAFLW
GGLADRLGRRQCLLISLSVNSVFAFFSSFVQGYGTFLFCRLLSGVGIGGSIPIVFSYFSEFLAQEKRGEHLSWLCMFWMI
GGVYAAAMAWAIIPHYGWSFQMGSAYQFHSWRVFVLVCAFPSVFAIGALTTQPESPRFFLENGKHDEAWMVLKQVHDTNM
RAKGHPERVFSVTHIKTIHQEDELIEIQSDTGTWYQRWGVRALSLGGQVWGNFLSCFGPEYRRITLMMMGVWFTMSFSYY
GLTVWFPDMIRHLQAVDYASRTKVFPGERVEHVTFNFTLENQIHRGGQYFNDKFIGLRLKSVSFEDSLFEECYFEDVTSS
NTFFRNCTFINTVFYNTDLFEYKFVNSRLINSTFLHNKEGCPLDVTGTGEGAYMVYFVSFLGTLAVLPGNIVSALLMDKI
GRLRMLAGSSVMSCVSCFFLSFGNSESAMIALLCLFGGVSIASWNALDVLTVELYPSDKRTTAFGFLNALCKLAAVLGIS
IFTSFVGITKAAPILFASAALALGSSLALKLPETRGQVLQ
;
A
2 'polypeptide(L)'
;QVQLVESGGGLVQPGGSLRLSCAASGSIFNMRVMGWYRQAPGEQRESVASMASGDKTTYADSVKGRFTISRDNAKNTVAL
QMNSLKPEDTAVYYCHAVDLTRNGPRVYWGQGTQVTVSSAAAENLYFQGGSGHHHHHHHHHH
;
B
#
loop_
_chem_comp.id
_chem_comp.type
_chem_comp.name
_chem_comp.formula
BMA D-saccharide, beta linking beta-D-mannopyranose 'C6 H12 O6'
NAG D-saccharide, beta linking 2-acetamido-2-deoxy-beta-D-glucopyranose 'C8 H15 N O6'
PS1 non-polymer 1,2-DIDECANOYL-SN-GLYCERO-3-[PHOSPHO-L-SERINE] 'C26 H49 N O10 P -1'
X49 non-polymer (4S)-1-{[(4S)-2-(methoxymethyl)-6-(trifluoromethyl)imidazo[2,1-b][1,3,4]thiadiazol-5-yl]methyl}-4-(4,4,4-trifluorobutyl)pyrrolidin-2-one 'C16 H18 F6 N4 O2 S'
Y01 non-polymer 'CHOLESTEROL HEMISUCCINATE' 'C31 H50 O4'
#
# COMPACT_ATOMS: atom_id res chain seq x y z
N GLU A 82 25.38 3.13 44.99
CA GLU A 82 24.78 2.68 43.74
C GLU A 82 25.41 3.37 42.54
N ARG A 83 26.63 3.85 42.72
CA ARG A 83 27.33 4.54 41.63
C ARG A 83 27.51 3.61 40.45
N GLU A 84 27.39 4.16 39.24
CA GLU A 84 27.46 3.36 38.03
C GLU A 84 28.88 3.32 37.48
N GLU A 85 29.76 2.69 38.26
CA GLU A 85 31.10 2.37 37.77
C GLU A 85 31.07 1.27 36.73
N LEU A 86 29.98 0.49 36.68
CA LEU A 86 29.86 -0.55 35.67
C LEU A 86 29.89 0.04 34.27
N ALA A 87 29.20 1.17 34.06
CA ALA A 87 29.20 1.80 32.75
C ALA A 87 30.60 2.21 32.34
N GLN A 88 31.35 2.82 33.26
CA GLN A 88 32.70 3.25 32.94
C GLN A 88 33.59 2.06 32.62
N GLN A 89 33.48 0.98 33.40
CA GLN A 89 34.29 -0.19 33.12
C GLN A 89 33.93 -0.81 31.77
N TYR A 90 32.63 -0.87 31.46
CA TYR A 90 32.19 -1.41 30.18
C TYR A 90 32.76 -0.59 29.02
N GLU A 91 32.70 0.74 29.14
CA GLU A 91 33.27 1.58 28.10
C GLU A 91 34.78 1.37 28.00
N ALA A 92 35.44 1.15 29.13
CA ALA A 92 36.88 0.89 29.10
C ALA A 92 37.18 -0.39 28.33
N ILE A 93 36.40 -1.45 28.58
CA ILE A 93 36.62 -2.70 27.87
C ILE A 93 36.37 -2.51 26.38
N LEU A 94 35.29 -1.81 26.04
CA LEU A 94 34.97 -1.60 24.62
C LEU A 94 36.07 -0.80 23.93
N ARG A 95 36.58 0.24 24.58
CA ARG A 95 37.63 1.06 23.98
C ARG A 95 38.91 0.25 23.83
N GLU A 96 39.22 -0.60 24.80
CA GLU A 96 40.37 -1.48 24.66
C GLU A 96 40.17 -2.42 23.47
N CYS A 97 38.96 -2.90 23.27
CA CYS A 97 38.71 -3.89 22.23
C CYS A 97 38.97 -3.31 20.84
N GLY A 98 38.37 -2.16 20.54
CA GLY A 98 38.51 -1.52 19.25
C GLY A 98 37.27 -1.69 18.40
N HIS A 99 37.31 -1.23 17.13
CA HIS A 99 36.18 -1.30 16.15
C HIS A 99 36.63 -2.20 14.99
N GLY A 100 36.55 -3.53 15.14
CA GLY A 100 36.98 -4.52 14.18
C GLY A 100 35.87 -4.98 13.26
N ARG A 101 36.12 -6.12 12.60
CA ARG A 101 35.19 -6.62 11.60
C ARG A 101 33.82 -6.89 12.19
N PHE A 102 33.76 -7.18 13.49
CA PHE A 102 32.49 -7.54 14.11
C PHE A 102 31.48 -6.40 13.99
N GLN A 103 31.95 -5.17 14.19
CA GLN A 103 31.03 -4.04 14.13
C GLN A 103 30.39 -3.94 12.75
N TRP A 104 31.18 -4.13 11.69
CA TRP A 104 30.62 -4.03 10.35
C TRP A 104 29.69 -5.19 10.05
N THR A 105 30.04 -6.40 10.50
CA THR A 105 29.16 -7.54 10.29
C THR A 105 27.80 -7.29 10.95
N LEU A 106 27.83 -6.88 12.20
CA LEU A 106 26.58 -6.56 12.90
C LEU A 106 25.85 -5.41 12.23
N TYR A 107 26.60 -4.47 11.63
CA TYR A 107 25.99 -3.37 10.92
C TYR A 107 25.15 -3.89 9.75
N PHE A 108 25.71 -4.82 8.97
CA PHE A 108 24.93 -5.40 7.87
C PHE A 108 23.72 -6.16 8.40
N VAL A 109 23.92 -6.97 9.43
CA VAL A 109 22.82 -7.80 9.93
C VAL A 109 21.67 -6.93 10.40
N LEU A 110 21.95 -5.86 11.14
CA LEU A 110 20.90 -4.99 11.63
C LEU A 110 20.35 -4.07 10.54
N GLY A 111 21.17 -3.74 9.55
CA GLY A 111 20.68 -2.97 8.43
C GLY A 111 19.62 -3.73 7.66
N LEU A 112 19.72 -5.05 7.60
CA LEU A 112 18.64 -5.81 6.96
C LEU A 112 17.32 -5.63 7.70
N ALA A 113 17.35 -5.59 9.03
CA ALA A 113 16.13 -5.35 9.80
C ALA A 113 15.59 -3.95 9.52
N LEU A 114 16.47 -2.95 9.49
CA LEU A 114 16.00 -1.61 9.14
C LEU A 114 15.42 -1.57 7.74
N MET A 115 15.98 -2.36 6.82
CA MET A 115 15.44 -2.47 5.48
C MET A 115 14.03 -3.02 5.52
N ALA A 116 13.80 -4.03 6.36
CA ALA A 116 12.45 -4.56 6.51
C ALA A 116 11.51 -3.48 7.02
N ASP A 117 11.97 -2.68 7.97
CA ASP A 117 11.14 -1.59 8.50
C ASP A 117 10.77 -0.61 7.40
N GLY A 118 11.74 -0.21 6.59
CA GLY A 118 11.47 0.72 5.51
C GLY A 118 10.50 0.15 4.50
N VAL A 119 10.68 -1.12 4.14
CA VAL A 119 9.78 -1.75 3.17
C VAL A 119 8.36 -1.77 3.71
N GLU A 120 8.18 -2.12 4.99
CA GLU A 120 6.83 -2.15 5.55
C GLU A 120 6.22 -0.75 5.61
N VAL A 121 7.02 0.25 5.99
CA VAL A 121 6.49 1.62 6.03
C VAL A 121 5.99 2.03 4.65
N PHE A 122 6.80 1.78 3.62
CA PHE A 122 6.40 2.14 2.28
C PHE A 122 5.16 1.37 1.84
N VAL A 123 5.11 0.07 2.11
CA VAL A 123 3.99 -0.74 1.67
C VAL A 123 2.72 -0.42 2.42
N VAL A 124 2.84 0.21 3.60
CA VAL A 124 1.66 0.57 4.39
C VAL A 124 1.22 2.00 4.16
N GLY A 125 2.10 2.87 3.66
CA GLY A 125 1.73 4.26 3.45
C GLY A 125 1.42 4.62 2.02
N PHE A 126 1.95 3.86 1.07
CA PHE A 126 1.85 4.21 -0.34
C PHE A 126 1.27 3.10 -1.21
N VAL A 127 1.59 1.85 -0.92
CA VAL A 127 1.07 0.74 -1.72
C VAL A 127 -0.27 0.25 -1.19
N LEU A 128 -0.41 0.11 0.12
CA LEU A 128 -1.68 -0.34 0.68
C LEU A 128 -2.83 0.58 0.31
N PRO A 129 -2.73 1.90 0.47
CA PRO A 129 -3.84 2.78 0.03
C PRO A 129 -3.98 2.88 -1.48
N SER A 130 -2.99 2.42 -2.24
CA SER A 130 -3.12 2.39 -3.70
C SER A 130 -4.21 1.43 -4.15
N ALA A 131 -4.64 0.52 -3.28
CA ALA A 131 -5.75 -0.38 -3.59
C ALA A 131 -7.05 0.41 -3.57
N GLU A 132 -7.53 0.79 -4.76
CA GLU A 132 -8.75 1.57 -4.89
C GLU A 132 -9.74 0.90 -5.85
N LYS A 133 -10.84 1.58 -6.14
CA LYS A 133 -11.85 1.08 -7.08
C LYS A 133 -11.65 1.79 -8.42
N ASP A 134 -10.64 1.33 -9.15
CA ASP A 134 -10.31 1.90 -10.44
C ASP A 134 -11.44 1.71 -11.44
N MET A 144 -9.68 5.84 3.99
CA MET A 144 -8.42 5.12 3.98
C MET A 144 -8.24 4.31 5.26
N LEU A 145 -8.77 3.09 5.26
CA LEU A 145 -8.67 2.20 6.42
C LEU A 145 -7.35 1.44 6.47
N GLY A 146 -6.36 1.88 5.70
CA GLY A 146 -5.04 1.28 5.74
C GLY A 146 -4.12 1.83 6.81
N LEU A 147 -4.61 2.72 7.66
CA LEU A 147 -3.80 3.33 8.71
C LEU A 147 -3.88 2.59 10.04
N ILE A 148 -4.78 1.61 10.17
CA ILE A 148 -4.82 0.81 11.40
C ILE A 148 -3.52 0.03 11.56
N VAL A 149 -2.80 -0.21 10.46
CA VAL A 149 -1.49 -0.83 10.57
C VAL A 149 -0.56 0.02 11.41
N TYR A 150 -0.66 1.35 11.28
CA TYR A 150 0.12 2.23 12.15
C TYR A 150 -0.29 2.08 13.60
N LEU A 151 -1.59 1.92 13.86
CA LEU A 151 -2.06 1.73 15.22
C LEU A 151 -1.53 0.44 15.82
N GLY A 152 -1.35 -0.59 14.98
CA GLY A 152 -0.69 -1.80 15.46
C GLY A 152 0.81 -1.62 15.60
N MET A 153 1.42 -0.80 14.74
CA MET A 153 2.83 -0.50 14.82
C MET A 153 3.18 0.13 16.16
N MET A 154 2.35 1.07 16.62
CA MET A 154 2.62 1.73 17.88
C MET A 154 2.55 0.74 19.05
N VAL A 155 1.55 -0.13 19.04
CA VAL A 155 1.43 -1.12 20.10
C VAL A 155 2.62 -2.05 20.10
N GLY A 156 3.04 -2.50 18.91
CA GLY A 156 4.21 -3.35 18.83
C GLY A 156 5.46 -2.65 19.32
N ALA A 157 5.64 -1.39 18.95
CA ALA A 157 6.79 -0.64 19.42
C ALA A 157 6.83 -0.61 20.93
N PHE A 158 5.72 -0.21 21.56
CA PHE A 158 5.69 -0.13 23.01
C PHE A 158 5.98 -1.49 23.64
N LEU A 159 5.29 -2.53 23.17
CA LEU A 159 5.41 -3.84 23.82
C LEU A 159 6.82 -4.40 23.70
N TRP A 160 7.36 -4.40 22.47
CA TRP A 160 8.70 -4.96 22.28
C TRP A 160 9.74 -4.12 22.99
N GLY A 161 9.60 -2.78 22.98
CA GLY A 161 10.53 -1.96 23.70
C GLY A 161 10.53 -2.25 25.20
N GLY A 162 9.34 -2.44 25.77
CA GLY A 162 9.27 -2.76 27.18
C GLY A 162 9.84 -4.12 27.49
N LEU A 163 9.58 -5.12 26.64
CA LEU A 163 10.03 -6.47 26.92
C LEU A 163 11.51 -6.66 26.69
N ALA A 164 12.12 -5.84 25.82
CA ALA A 164 13.50 -6.07 25.44
C ALA A 164 14.43 -5.93 26.63
N ASP A 165 14.23 -4.90 27.45
CA ASP A 165 15.09 -4.68 28.61
C ASP A 165 14.91 -5.74 29.67
N ARG A 166 13.89 -6.58 29.56
CA ARG A 166 13.66 -7.66 30.51
C ARG A 166 14.16 -9.00 30.02
N LEU A 167 13.83 -9.37 28.78
CA LEU A 167 14.21 -10.68 28.25
C LEU A 167 15.35 -10.62 27.26
N GLY A 168 15.80 -9.44 26.87
CA GLY A 168 16.94 -9.31 25.97
C GLY A 168 16.62 -8.52 24.73
N ARG A 169 17.66 -8.03 24.06
CA ARG A 169 17.49 -7.27 22.83
C ARG A 169 17.44 -8.17 21.59
N ARG A 170 18.36 -9.12 21.50
CA ARG A 170 18.37 -10.04 20.37
C ARG A 170 17.08 -10.85 20.30
N GLN A 171 16.60 -11.33 21.45
CA GLN A 171 15.41 -12.18 21.45
C GLN A 171 14.18 -11.40 20.99
N CYS A 172 14.03 -10.17 21.48
CA CYS A 172 12.88 -9.36 21.07
C CYS A 172 12.96 -9.00 19.60
N LEU A 173 14.16 -8.71 19.09
CA LEU A 173 14.30 -8.47 17.65
C LEU A 173 13.91 -9.70 16.85
N LEU A 174 14.35 -10.89 17.30
CA LEU A 174 13.99 -12.12 16.61
C LEU A 174 12.49 -12.31 16.59
N ILE A 175 11.83 -12.11 17.73
CA ILE A 175 10.37 -12.29 17.78
C ILE A 175 9.68 -11.28 16.87
N SER A 176 10.14 -10.03 16.88
CA SER A 176 9.53 -9.01 16.03
C SER A 176 9.63 -9.41 14.56
N LEU A 177 10.83 -9.73 14.10
CA LEU A 177 11.00 -10.08 12.70
C LEU A 177 10.22 -11.34 12.36
N SER A 178 10.16 -12.31 13.28
CA SER A 178 9.47 -13.56 13.00
C SER A 178 7.98 -13.31 12.82
N VAL A 179 7.38 -12.54 13.72
CA VAL A 179 5.95 -12.24 13.60
C VAL A 179 5.70 -11.50 12.28
N ASN A 180 6.52 -10.49 11.98
CA ASN A 180 6.29 -9.72 10.76
C ASN A 180 6.38 -10.62 9.54
N SER A 181 7.41 -11.47 9.47
CA SER A 181 7.62 -12.30 8.29
C SER A 181 6.50 -13.32 8.13
N VAL A 182 6.14 -14.00 9.22
CA VAL A 182 5.11 -15.03 9.13
C VAL A 182 3.79 -14.41 8.70
N PHE A 183 3.43 -13.28 9.28
CA PHE A 183 2.15 -12.69 8.93
C PHE A 183 2.18 -11.98 7.58
N ALA A 184 3.37 -11.58 7.09
CA ALA A 184 3.45 -11.12 5.70
C ALA A 184 3.22 -12.27 4.73
N PHE A 185 3.83 -13.43 5.00
CA PHE A 185 3.54 -14.61 4.19
C PHE A 185 2.05 -14.93 4.22
N PHE A 186 1.43 -14.89 5.40
CA PHE A 186 0.01 -15.18 5.48
C PHE A 186 -0.83 -14.11 4.78
N SER A 187 -0.36 -12.86 4.77
CA SER A 187 -1.08 -11.81 4.06
C SER A 187 -0.95 -11.95 2.56
N SER A 188 0.09 -12.60 2.07
CA SER A 188 0.24 -12.81 0.64
C SER A 188 -0.70 -13.87 0.08
N PHE A 189 -1.39 -14.63 0.93
CA PHE A 189 -2.30 -15.68 0.49
C PHE A 189 -3.77 -15.35 0.69
N VAL A 190 -4.11 -14.50 1.65
CA VAL A 190 -5.50 -14.31 2.03
C VAL A 190 -6.30 -13.79 0.84
N GLN A 191 -7.59 -14.12 0.83
CA GLN A 191 -8.54 -13.68 -0.19
C GLN A 191 -9.50 -12.71 0.47
N GLY A 192 -9.30 -11.42 0.24
CA GLY A 192 -10.15 -10.39 0.81
C GLY A 192 -9.33 -9.31 1.50
N TYR A 193 -9.88 -8.10 1.52
CA TYR A 193 -9.14 -6.97 2.07
C TYR A 193 -9.16 -6.94 3.59
N GLY A 194 -10.23 -7.39 4.22
CA GLY A 194 -10.31 -7.30 5.67
C GLY A 194 -9.28 -8.15 6.38
N THR A 195 -9.23 -9.44 6.03
CA THR A 195 -8.21 -10.31 6.62
C THR A 195 -6.82 -9.85 6.24
N PHE A 196 -6.67 -9.27 5.03
CA PHE A 196 -5.38 -8.74 4.64
C PHE A 196 -4.96 -7.60 5.56
N LEU A 197 -5.90 -6.72 5.90
CA LEU A 197 -5.57 -5.64 6.82
C LEU A 197 -5.23 -6.19 8.20
N PHE A 198 -5.94 -7.22 8.64
CA PHE A 198 -5.62 -7.81 9.94
C PHE A 198 -4.20 -8.35 9.95
N CYS A 199 -3.83 -9.13 8.92
CA CYS A 199 -2.50 -9.71 8.90
C CYS A 199 -1.42 -8.65 8.76
N ARG A 200 -1.66 -7.61 7.95
CA ARG A 200 -0.68 -6.56 7.84
C ARG A 200 -0.58 -5.74 9.13
N LEU A 201 -1.67 -5.61 9.88
CA LEU A 201 -1.60 -4.99 11.19
C LEU A 201 -0.70 -5.77 12.13
N LEU A 202 -0.93 -7.09 12.20
CA LEU A 202 -0.11 -7.91 13.06
C LEU A 202 1.33 -7.98 12.59
N SER A 203 1.61 -7.74 11.31
CA SER A 203 2.99 -7.65 10.86
C SER A 203 3.62 -6.31 11.22
N GLY A 204 2.86 -5.23 11.07
CA GLY A 204 3.34 -3.93 11.49
C GLY A 204 3.69 -3.90 12.95
N VAL A 205 2.99 -4.67 13.78
CA VAL A 205 3.35 -4.79 15.19
C VAL A 205 4.85 -5.08 15.32
N GLY A 206 5.28 -6.22 14.77
CA GLY A 206 6.67 -6.62 14.91
C GLY A 206 7.63 -5.65 14.24
N ILE A 207 7.31 -5.22 13.03
CA ILE A 207 8.26 -4.36 12.33
C ILE A 207 8.45 -3.05 13.09
N GLY A 208 7.37 -2.51 13.67
CA GLY A 208 7.50 -1.33 14.50
C GLY A 208 8.35 -1.59 15.72
N GLY A 209 8.25 -2.80 16.28
CA GLY A 209 9.16 -3.16 17.35
C GLY A 209 10.61 -3.12 16.91
N SER A 210 10.88 -3.43 15.65
CA SER A 210 12.26 -3.60 15.17
C SER A 210 13.19 -2.45 15.59
N ILE A 211 12.90 -1.23 15.12
CA ILE A 211 13.91 -0.17 15.11
C ILE A 211 14.48 0.10 16.50
N PRO A 212 13.68 0.37 17.54
CA PRO A 212 14.27 0.64 18.86
C PRO A 212 15.27 -0.42 19.29
N ILE A 213 14.91 -1.70 19.12
CA ILE A 213 15.82 -2.76 19.51
C ILE A 213 17.11 -2.66 18.70
N VAL A 214 17.00 -2.37 17.41
CA VAL A 214 18.18 -2.32 16.55
C VAL A 214 19.14 -1.26 17.05
N PHE A 215 18.64 -0.06 17.32
CA PHE A 215 19.55 1.03 17.69
C PHE A 215 20.11 0.82 19.09
N SER A 216 19.28 0.40 20.05
CA SER A 216 19.79 0.12 21.38
C SER A 216 20.79 -1.03 21.36
N TYR A 217 20.63 -1.97 20.44
CA TYR A 217 21.52 -3.12 20.35
C TYR A 217 22.87 -2.72 19.77
N PHE A 218 22.86 -1.95 18.68
CA PHE A 218 24.12 -1.56 18.07
C PHE A 218 24.86 -0.49 18.87
N SER A 219 24.14 0.29 19.68
CA SER A 219 24.80 1.29 20.49
C SER A 219 25.77 0.67 21.48
N GLU A 220 25.39 -0.48 22.06
CA GLU A 220 26.17 -1.06 23.14
C GLU A 220 27.49 -1.65 22.66
N PHE A 221 27.64 -1.87 21.35
CA PHE A 221 28.88 -2.44 20.83
C PHE A 221 29.87 -1.38 20.36
N LEU A 222 29.39 -0.19 20.02
CA LEU A 222 30.26 0.87 19.54
C LEU A 222 30.93 1.59 20.69
N ALA A 223 32.18 1.99 20.48
CA ALA A 223 32.87 2.81 21.46
C ALA A 223 32.22 4.17 21.57
N GLN A 224 32.40 4.81 22.73
CA GLN A 224 31.82 6.15 22.92
C GLN A 224 32.40 7.16 21.95
N GLU A 225 33.56 6.88 21.36
CA GLU A 225 34.17 7.83 20.45
C GLU A 225 33.31 8.05 19.20
N LYS A 226 32.77 6.98 18.63
CA LYS A 226 32.12 7.03 17.34
C LYS A 226 30.70 6.50 17.41
N ARG A 227 29.96 6.89 18.45
CA ARG A 227 28.55 6.53 18.51
C ARG A 227 27.70 7.35 17.56
N GLY A 228 28.31 8.33 16.87
CA GLY A 228 27.57 9.14 15.93
C GLY A 228 27.83 8.77 14.48
N GLU A 229 29.10 8.54 14.14
CA GLU A 229 29.42 8.24 12.75
C GLU A 229 28.83 6.91 12.31
N HIS A 230 29.05 5.85 13.09
CA HIS A 230 28.59 4.53 12.68
C HIS A 230 27.08 4.38 12.84
N LEU A 231 26.53 4.84 13.96
CA LEU A 231 25.10 4.76 14.17
C LEU A 231 24.35 5.52 13.09
N SER A 232 24.95 6.56 12.54
CA SER A 232 24.34 7.28 11.44
C SER A 232 24.40 6.48 10.15
N TRP A 233 25.56 5.87 9.87
CA TRP A 233 25.66 4.99 8.71
C TRP A 233 24.60 3.89 8.76
N LEU A 234 24.24 3.45 9.96
CA LEU A 234 23.30 2.34 10.08
C LEU A 234 21.94 2.66 9.50
N CYS A 235 21.61 3.93 9.29
CA CYS A 235 20.28 4.31 8.82
C CYS A 235 20.20 4.41 7.30
N MET A 236 21.29 4.19 6.57
CA MET A 236 21.19 4.11 5.13
C MET A 236 20.35 2.91 4.70
N PHE A 237 20.20 1.93 5.58
CA PHE A 237 19.45 0.73 5.20
C PHE A 237 17.96 1.00 5.14
N TRP A 238 17.47 1.99 5.90
CA TRP A 238 16.08 2.41 5.73
C TRP A 238 15.84 2.95 4.32
N MET A 239 16.76 3.77 3.82
CA MET A 239 16.65 4.26 2.45
C MET A 239 16.77 3.13 1.44
N ILE A 240 17.69 2.20 1.68
CA ILE A 240 17.85 1.07 0.77
C ILE A 240 16.56 0.25 0.72
N GLY A 241 15.92 0.06 1.87
CA GLY A 241 14.66 -0.66 1.89
C GLY A 241 13.55 0.11 1.19
N GLY A 242 13.52 1.43 1.36
CA GLY A 242 12.54 2.23 0.64
C GLY A 242 12.69 2.12 -0.87
N VAL A 243 13.93 2.24 -1.35
CA VAL A 243 14.15 2.13 -2.79
C VAL A 243 13.86 0.72 -3.26
N TYR A 244 14.17 -0.28 -2.43
CA TYR A 244 13.84 -1.67 -2.77
C TYR A 244 12.35 -1.84 -2.99
N ALA A 245 11.54 -1.40 -2.03
CA ALA A 245 10.09 -1.53 -2.15
C ALA A 245 9.57 -0.74 -3.34
N ALA A 246 10.04 0.50 -3.51
CA ALA A 246 9.55 1.34 -4.60
C ALA A 246 9.87 0.71 -5.96
N ALA A 247 11.10 0.25 -6.14
CA ALA A 247 11.48 -0.38 -7.41
C ALA A 247 10.70 -1.67 -7.64
N MET A 248 10.51 -2.47 -6.59
CA MET A 248 9.80 -3.73 -6.78
C MET A 248 8.34 -3.47 -7.18
N ALA A 249 7.70 -2.48 -6.55
CA ALA A 249 6.34 -2.12 -6.95
C ALA A 249 6.33 -1.59 -8.39
N TRP A 250 7.28 -0.71 -8.70
CA TRP A 250 7.34 -0.10 -10.03
C TRP A 250 7.59 -1.13 -11.12
N ALA A 251 8.21 -2.26 -10.79
CA ALA A 251 8.51 -3.28 -11.79
C ALA A 251 7.51 -4.43 -11.81
N ILE A 252 6.85 -4.72 -10.69
CA ILE A 252 5.97 -5.87 -10.57
C ILE A 252 4.50 -5.44 -10.55
N ILE A 253 4.17 -4.44 -9.74
CA ILE A 253 2.79 -3.97 -9.61
C ILE A 253 2.65 -2.54 -10.11
N PRO A 254 2.98 -2.23 -11.37
CA PRO A 254 2.83 -0.86 -11.87
C PRO A 254 1.38 -0.43 -12.04
N HIS A 255 0.43 -1.28 -11.68
CA HIS A 255 -0.99 -0.99 -11.72
C HIS A 255 -1.53 -0.94 -10.30
N TYR A 256 -2.84 -0.73 -10.17
CA TYR A 256 -3.46 -0.68 -8.85
C TYR A 256 -4.95 -0.90 -8.97
N GLY A 257 -5.58 -1.11 -7.82
CA GLY A 257 -7.02 -1.26 -7.76
C GLY A 257 -7.48 -2.63 -7.28
N TRP A 258 -6.71 -3.26 -6.39
CA TRP A 258 -7.00 -4.61 -5.92
C TRP A 258 -7.66 -4.65 -4.56
N SER A 259 -8.20 -3.53 -4.08
CA SER A 259 -9.06 -3.58 -2.91
C SER A 259 -10.33 -4.37 -3.20
N PHE A 260 -10.67 -4.56 -4.48
CA PHE A 260 -11.83 -5.34 -4.88
C PHE A 260 -11.49 -6.37 -5.94
N GLN A 261 -10.21 -6.62 -6.21
CA GLN A 261 -9.77 -7.59 -7.21
C GLN A 261 -8.92 -8.64 -6.50
N MET A 262 -9.49 -9.82 -6.30
CA MET A 262 -8.78 -10.93 -5.69
C MET A 262 -9.50 -12.22 -6.09
N GLY A 263 -9.03 -13.35 -5.58
CA GLY A 263 -9.61 -14.62 -5.93
C GLY A 263 -8.86 -15.76 -5.28
N SER A 264 -9.39 -16.97 -5.47
CA SER A 264 -8.84 -18.15 -4.82
C SER A 264 -7.55 -18.64 -5.47
N ALA A 265 -7.16 -18.09 -6.62
CA ALA A 265 -5.94 -18.52 -7.29
C ALA A 265 -4.74 -17.85 -6.64
N TYR A 266 -3.55 -18.04 -7.22
CA TYR A 266 -2.32 -17.50 -6.67
C TYR A 266 -1.48 -16.88 -7.77
N GLN A 267 -0.85 -15.74 -7.47
CA GLN A 267 0.07 -15.07 -8.39
C GLN A 267 -0.63 -14.70 -9.70
N PHE A 268 -1.94 -14.47 -9.64
CA PHE A 268 -2.73 -14.16 -10.82
C PHE A 268 -3.10 -12.68 -10.92
N HIS A 269 -2.71 -11.87 -9.93
CA HIS A 269 -2.90 -10.44 -9.98
C HIS A 269 -1.59 -9.66 -9.89
N SER A 270 -0.49 -10.29 -9.51
CA SER A 270 0.81 -9.69 -9.28
C SER A 270 0.85 -8.93 -7.97
N TRP A 271 -0.28 -8.77 -7.29
CA TRP A 271 -0.27 -8.21 -5.94
C TRP A 271 0.24 -9.21 -4.92
N ARG A 272 0.05 -10.50 -5.19
CA ARG A 272 0.45 -11.57 -4.29
C ARG A 272 1.89 -11.98 -4.51
N VAL A 273 2.60 -11.35 -5.44
CA VAL A 273 4.04 -11.53 -5.56
C VAL A 273 4.80 -10.32 -5.01
N PHE A 274 4.14 -9.19 -4.82
CA PHE A 274 4.79 -8.04 -4.20
C PHE A 274 5.07 -8.30 -2.72
N VAL A 275 4.13 -8.93 -2.02
CA VAL A 275 4.28 -9.11 -0.58
C VAL A 275 5.50 -9.97 -0.28
N LEU A 276 5.66 -11.07 -1.01
CA LEU A 276 6.76 -11.98 -0.73
C LEU A 276 8.12 -11.33 -0.96
N VAL A 277 8.25 -10.59 -2.07
CA VAL A 277 9.54 -9.98 -2.37
C VAL A 277 9.77 -8.72 -1.56
N CYS A 278 8.73 -8.16 -0.95
CA CYS A 278 8.93 -7.14 0.07
C CYS A 278 9.36 -7.72 1.40
N ALA A 279 8.88 -8.92 1.74
CA ALA A 279 9.17 -9.53 3.03
C ALA A 279 10.45 -10.35 3.04
N PHE A 280 11.05 -10.64 1.87
CA PHE A 280 12.33 -11.33 1.86
C PHE A 280 13.39 -10.66 2.73
N PRO A 281 13.54 -9.34 2.74
CA PRO A 281 14.53 -8.71 3.63
C PRO A 281 14.38 -9.13 5.09
N SER A 282 13.16 -9.28 5.59
CA SER A 282 12.96 -9.75 6.95
C SER A 282 13.49 -11.17 7.12
N VAL A 283 13.26 -12.02 6.12
CA VAL A 283 13.77 -13.39 6.19
C VAL A 283 15.29 -13.37 6.29
N PHE A 284 15.93 -12.54 5.47
CA PHE A 284 17.38 -12.44 5.54
C PHE A 284 17.83 -11.90 6.89
N ALA A 285 17.09 -10.95 7.45
CA ALA A 285 17.44 -10.40 8.75
C ALA A 285 17.40 -11.48 9.83
N ILE A 286 16.36 -12.30 9.83
CA ILE A 286 16.29 -13.39 10.81
C ILE A 286 17.42 -14.37 10.59
N GLY A 287 17.66 -14.74 9.33
CA GLY A 287 18.74 -15.68 9.05
C GLY A 287 20.08 -15.19 9.53
N ALA A 288 20.33 -13.89 9.41
CA ALA A 288 21.62 -13.33 9.76
C ALA A 288 21.75 -13.02 11.25
N LEU A 289 20.64 -12.76 11.94
CA LEU A 289 20.71 -12.37 13.34
C LEU A 289 21.13 -13.51 14.26
N THR A 290 21.15 -14.75 13.76
CA THR A 290 21.56 -15.87 14.58
C THR A 290 23.08 -15.99 14.67
N THR A 291 23.82 -15.21 13.90
CA THR A 291 25.28 -15.24 13.93
C THR A 291 25.87 -14.17 14.84
N GLN A 292 25.04 -13.39 15.54
CA GLN A 292 25.51 -12.31 16.38
C GLN A 292 25.24 -12.59 17.85
N PRO A 293 26.12 -12.19 18.76
CA PRO A 293 25.89 -12.43 20.19
C PRO A 293 25.15 -11.27 20.84
N GLU A 294 24.52 -11.59 21.96
CA GLU A 294 23.68 -10.61 22.64
C GLU A 294 24.53 -9.48 23.22
N SER A 295 23.90 -8.33 23.39
CA SER A 295 24.61 -7.16 23.88
C SER A 295 25.16 -7.44 25.28
N PRO A 296 26.46 -7.23 25.51
CA PRO A 296 27.00 -7.49 26.85
C PRO A 296 26.36 -6.66 27.94
N ARG A 297 25.89 -5.45 27.61
CA ARG A 297 25.35 -4.57 28.65
C ARG A 297 24.11 -5.17 29.30
N PHE A 298 23.23 -5.78 28.50
CA PHE A 298 22.05 -6.41 29.07
C PHE A 298 22.45 -7.52 30.04
N PHE A 299 23.46 -8.29 29.68
CA PHE A 299 23.93 -9.37 30.55
C PHE A 299 24.52 -8.82 31.84
N LEU A 300 25.31 -7.74 31.74
CA LEU A 300 25.88 -7.14 32.95
C LEU A 300 24.81 -6.60 33.87
N GLU A 301 23.80 -5.92 33.29
CA GLU A 301 22.72 -5.39 34.11
C GLU A 301 21.91 -6.50 34.75
N ASN A 302 21.59 -7.55 33.99
CA ASN A 302 20.76 -8.62 34.52
C ASN A 302 21.47 -9.36 35.65
N GLY A 303 22.75 -9.65 35.48
CA GLY A 303 23.53 -10.29 36.53
C GLY A 303 24.52 -11.31 36.00
N LYS A 304 24.29 -11.80 34.78
CA LYS A 304 25.16 -12.80 34.19
C LYS A 304 26.37 -12.09 33.59
N HIS A 305 27.31 -11.75 34.47
CA HIS A 305 28.52 -11.06 34.04
C HIS A 305 29.41 -11.95 33.18
N ASP A 306 29.41 -13.26 33.45
CA ASP A 306 30.26 -14.17 32.68
C ASP A 306 29.86 -14.16 31.21
N GLU A 307 28.56 -14.12 30.91
CA GLU A 307 28.12 -14.12 29.53
C GLU A 307 28.54 -12.86 28.81
N ALA A 308 28.42 -11.70 29.47
CA ALA A 308 28.89 -10.45 28.87
C ALA A 308 30.39 -10.51 28.61
N TRP A 309 31.14 -11.06 29.57
CA TRP A 309 32.58 -11.22 29.39
C TRP A 309 32.88 -12.11 28.19
N MET A 310 32.09 -13.17 28.01
CA MET A 310 32.28 -14.06 26.87
C MET A 310 32.00 -13.33 25.56
N VAL A 311 30.94 -12.53 25.50
CA VAL A 311 30.64 -11.80 24.28
C VAL A 311 31.75 -10.81 23.95
N LEU A 312 32.24 -10.10 24.96
CA LEU A 312 33.33 -9.16 24.73
C LEU A 312 34.59 -9.89 24.27
N LYS A 313 34.84 -11.08 24.84
CA LYS A 313 35.97 -11.89 24.39
C LYS A 313 35.81 -12.26 22.92
N GLN A 314 34.60 -12.65 22.53
CA GLN A 314 34.34 -12.99 21.13
C GLN A 314 34.65 -11.80 20.22
N VAL A 315 34.19 -10.61 20.62
CA VAL A 315 34.38 -9.45 19.77
C VAL A 315 35.87 -9.12 19.66
N HIS A 316 36.60 -9.19 20.77
CA HIS A 316 38.04 -8.94 20.72
C HIS A 316 38.73 -9.96 19.82
N ASP A 317 38.39 -11.23 19.97
CA ASP A 317 39.03 -12.27 19.16
C ASP A 317 38.81 -12.01 17.68
N THR A 318 37.56 -11.73 17.29
CA THR A 318 37.28 -11.49 15.88
C THR A 318 37.99 -10.25 15.38
N ASN A 319 37.98 -9.17 16.15
CA ASN A 319 38.63 -7.94 15.71
C ASN A 319 40.12 -8.15 15.49
N MET A 320 40.79 -8.81 16.44
CA MET A 320 42.24 -9.02 16.31
C MET A 320 42.55 -9.99 15.20
N ARG A 321 41.78 -11.08 15.07
CA ARG A 321 42.05 -12.04 14.01
C ARG A 321 41.82 -11.43 12.64
N ALA A 322 40.95 -10.42 12.54
CA ALA A 322 40.70 -9.81 11.24
C ALA A 322 42.00 -9.28 10.64
N LYS A 323 42.84 -8.64 11.45
CA LYS A 323 44.12 -8.15 10.94
C LYS A 323 45.08 -9.29 10.64
N GLY A 324 44.90 -10.44 11.30
CA GLY A 324 45.78 -11.57 11.09
C GLY A 324 47.01 -11.55 11.97
N HIS A 325 47.94 -10.64 11.68
CA HIS A 325 49.21 -10.63 12.40
C HIS A 325 49.04 -10.32 13.88
N PRO A 326 48.40 -9.21 14.28
CA PRO A 326 48.29 -8.92 15.72
C PRO A 326 47.20 -9.72 16.41
N GLU A 327 47.58 -10.77 17.13
CA GLU A 327 46.65 -11.55 17.93
C GLU A 327 46.76 -11.16 19.40
N ARG A 328 46.35 -9.92 19.69
CA ARG A 328 46.42 -9.41 21.05
C ARG A 328 45.48 -10.19 21.95
N VAL A 329 45.93 -10.49 23.17
CA VAL A 329 45.11 -11.22 24.13
C VAL A 329 44.18 -10.25 24.85
N PHE A 330 43.16 -10.82 25.49
CA PHE A 330 42.19 -10.05 26.27
C PHE A 330 42.57 -10.09 27.74
N SER A 331 42.44 -8.95 28.41
CA SER A 331 42.74 -8.85 29.83
C SER A 331 41.53 -9.34 30.62
N VAL A 332 41.66 -10.50 31.26
CA VAL A 332 40.55 -11.10 31.98
C VAL A 332 40.19 -10.24 33.19
N THR A 333 38.91 -9.98 33.36
CA THR A 333 38.42 -9.17 34.47
C THR A 333 37.01 -9.64 34.83
N HIS A 334 36.59 -9.27 36.05
CA HIS A 334 35.27 -9.68 36.52
C HIS A 334 34.17 -9.09 35.64
N ILE A 335 34.20 -7.79 35.41
CA ILE A 335 33.17 -7.13 34.62
C ILE A 335 33.52 -7.22 33.14
N TYR A 355 -2.99 -24.81 36.64
CA TYR A 355 -1.64 -24.77 37.19
C TYR A 355 -1.34 -23.42 37.82
N GLN A 356 -2.04 -22.39 37.36
CA GLN A 356 -1.91 -21.02 37.85
C GLN A 356 -0.45 -20.69 38.17
N ARG A 357 0.39 -20.85 37.14
CA ARG A 357 1.81 -20.59 37.26
C ARG A 357 2.33 -19.52 36.31
N TRP A 358 1.62 -19.22 35.23
CA TRP A 358 2.08 -18.25 34.25
C TRP A 358 1.41 -16.89 34.40
N GLY A 359 0.20 -16.83 34.96
CA GLY A 359 -0.46 -15.55 35.15
C GLY A 359 0.32 -14.64 36.08
N VAL A 360 0.80 -15.18 37.20
CA VAL A 360 1.60 -14.39 38.13
C VAL A 360 2.88 -13.92 37.45
N ARG A 361 3.53 -14.81 36.69
CA ARG A 361 4.76 -14.42 36.00
C ARG A 361 4.50 -13.32 34.96
N ALA A 362 3.40 -13.43 34.22
CA ALA A 362 3.06 -12.39 33.26
C ALA A 362 2.79 -11.08 33.95
N LEU A 363 2.04 -11.11 35.07
CA LEU A 363 1.81 -9.89 35.83
C LEU A 363 3.12 -9.30 36.33
N SER A 364 4.05 -10.15 36.74
CA SER A 364 5.35 -9.69 37.23
C SER A 364 6.11 -8.98 36.12
N LEU A 365 6.15 -9.58 34.93
CA LEU A 365 6.86 -8.96 33.83
C LEU A 365 6.21 -7.64 33.44
N GLY A 366 4.89 -7.60 33.42
CA GLY A 366 4.20 -6.34 33.13
C GLY A 366 4.49 -5.28 34.17
N GLY A 367 4.55 -5.68 35.44
CA GLY A 367 4.86 -4.73 36.50
C GLY A 367 6.26 -4.18 36.38
N GLN A 368 7.22 -5.04 36.01
CA GLN A 368 8.58 -4.55 35.79
C GLN A 368 8.62 -3.58 34.60
N VAL A 369 7.88 -3.89 33.54
CA VAL A 369 7.88 -2.99 32.38
C VAL A 369 7.25 -1.66 32.76
N TRP A 370 6.18 -1.69 33.55
CA TRP A 370 5.55 -0.44 33.97
C TRP A 370 6.45 0.34 34.92
N GLY A 371 7.23 -0.34 35.76
CA GLY A 371 8.22 0.34 36.57
C GLY A 371 9.27 1.02 35.71
N ASN A 372 9.73 0.33 34.66
CA ASN A 372 10.67 0.96 33.73
C ASN A 372 10.07 2.20 33.09
N PHE A 373 8.81 2.10 32.67
CA PHE A 373 8.15 3.25 32.04
C PHE A 373 7.99 4.41 33.02
N LEU A 374 7.61 4.11 34.27
CA LEU A 374 7.48 5.15 35.28
C LEU A 374 8.83 5.82 35.54
N SER A 375 9.90 5.01 35.62
CA SER A 375 11.22 5.58 35.87
C SER A 375 11.60 6.62 34.82
N CYS A 376 11.09 6.47 33.61
CA CYS A 376 11.36 7.47 32.58
C CYS A 376 10.84 8.85 32.98
N PHE A 377 9.87 8.90 33.89
CA PHE A 377 9.29 10.15 34.34
C PHE A 377 9.51 10.25 35.85
N GLY A 378 10.48 11.07 36.25
CA GLY A 378 10.77 11.28 37.65
C GLY A 378 11.63 12.50 37.84
N PRO A 379 12.08 12.75 39.07
CA PRO A 379 12.99 13.88 39.31
C PRO A 379 14.12 13.95 38.30
N GLU A 380 14.43 12.81 37.69
CA GLU A 380 15.33 12.75 36.55
C GLU A 380 14.63 12.05 35.40
N TYR A 381 14.95 12.46 34.18
CA TYR A 381 14.46 11.94 32.92
C TYR A 381 13.06 12.42 32.56
N ARG A 382 12.35 13.11 33.46
CA ARG A 382 11.02 13.60 33.10
C ARG A 382 11.11 14.75 32.10
N ARG A 383 11.96 15.73 32.39
CA ARG A 383 12.14 16.85 31.48
C ARG A 383 12.69 16.39 30.14
N ILE A 384 13.70 15.51 30.19
CA ILE A 384 14.30 15.02 28.95
C ILE A 384 13.26 14.28 28.13
N THR A 385 12.45 13.45 28.77
CA THR A 385 11.47 12.66 28.03
C THR A 385 10.38 13.52 27.44
N LEU A 386 9.93 14.55 28.17
CA LEU A 386 8.90 15.43 27.61
C LEU A 386 9.44 16.20 26.41
N MET A 387 10.66 16.73 26.51
CA MET A 387 11.27 17.39 25.36
C MET A 387 11.41 16.42 24.19
N MET A 388 11.82 15.18 24.48
CA MET A 388 11.97 14.18 23.43
C MET A 388 10.65 13.90 22.75
N MET A 389 9.58 13.77 23.53
CA MET A 389 8.26 13.53 22.94
C MET A 389 7.89 14.67 22.01
N GLY A 390 8.11 15.90 22.46
CA GLY A 390 7.78 17.03 21.60
C GLY A 390 8.52 16.97 20.28
N VAL A 391 9.85 16.79 20.33
CA VAL A 391 10.65 16.81 19.11
C VAL A 391 10.23 15.67 18.19
N TRP A 392 10.08 14.46 18.74
CA TRP A 392 9.76 13.30 17.91
C TRP A 392 8.40 13.46 17.26
N PHE A 393 7.39 13.87 18.04
CA PHE A 393 6.06 14.07 17.47
C PHE A 393 6.10 15.06 16.33
N THR A 394 6.71 16.22 16.55
CA THR A 394 6.73 17.23 15.51
C THR A 394 7.44 16.72 14.26
N MET A 395 8.62 16.11 14.44
CA MET A 395 9.39 15.66 13.29
C MET A 395 8.64 14.63 12.48
N SER A 396 8.13 13.58 13.13
CA SER A 396 7.46 12.52 12.40
C SER A 396 6.19 13.03 11.74
N PHE A 397 5.38 13.78 12.47
CA PHE A 397 4.22 14.45 11.90
C PHE A 397 4.59 15.12 10.58
N SER A 398 5.53 16.06 10.64
CA SER A 398 5.88 16.82 9.44
C SER A 398 6.34 15.92 8.32
N TYR A 399 7.29 15.02 8.60
CA TYR A 399 7.89 14.24 7.52
C TYR A 399 6.86 13.35 6.85
N TYR A 400 6.09 12.58 7.63
CA TYR A 400 5.13 11.67 7.02
C TYR A 400 4.05 12.44 6.29
N GLY A 401 3.54 13.52 6.89
CA GLY A 401 2.53 14.31 6.21
C GLY A 401 3.01 14.81 4.87
N LEU A 402 4.22 15.35 4.81
CA LEU A 402 4.70 15.92 3.56
C LEU A 402 5.04 14.85 2.54
N THR A 403 5.61 13.73 3.00
CA THR A 403 5.91 12.63 2.08
C THR A 403 4.65 12.05 1.47
N VAL A 404 3.52 12.12 2.19
CA VAL A 404 2.26 11.64 1.60
C VAL A 404 1.62 12.72 0.73
N TRP A 405 1.75 14.00 1.13
CA TRP A 405 1.12 15.07 0.37
C TRP A 405 1.79 15.30 -0.98
N PHE A 406 3.09 15.03 -1.08
CA PHE A 406 3.80 15.35 -2.32
C PHE A 406 3.30 14.54 -3.52
N PRO A 407 3.31 13.22 -3.50
CA PRO A 407 2.74 12.47 -4.62
C PRO A 407 1.28 12.79 -4.88
N ASP A 408 0.49 13.05 -3.84
CA ASP A 408 -0.90 13.42 -4.05
C ASP A 408 -1.01 14.75 -4.79
N MET A 409 -0.17 15.71 -4.45
CA MET A 409 -0.17 16.98 -5.17
C MET A 409 0.29 16.79 -6.61
N ILE A 410 1.25 15.88 -6.82
CA ILE A 410 1.65 15.56 -8.19
C ILE A 410 0.44 15.06 -8.99
N ARG A 411 -0.30 14.13 -8.40
CA ARG A 411 -1.47 13.57 -9.09
C ARG A 411 -2.51 14.64 -9.36
N HIS A 412 -2.74 15.53 -8.38
CA HIS A 412 -3.75 16.56 -8.57
C HIS A 412 -3.33 17.55 -9.65
N LEU A 413 -2.04 17.88 -9.71
CA LEU A 413 -1.56 18.77 -10.77
C LEU A 413 -1.71 18.12 -12.14
N GLN A 414 -1.40 16.83 -12.23
CA GLN A 414 -1.63 16.13 -13.49
C GLN A 414 -3.11 16.15 -13.87
N ALA A 415 -3.99 15.97 -12.89
CA ALA A 415 -5.42 16.01 -13.15
C ALA A 415 -5.85 17.38 -13.64
N VAL A 416 -5.32 18.45 -13.04
CA VAL A 416 -5.67 19.80 -13.48
C VAL A 416 -5.16 20.03 -14.90
N ASP A 417 -3.96 19.54 -15.21
CA ASP A 417 -3.44 19.68 -16.57
C ASP A 417 -4.34 18.97 -17.57
N TYR A 418 -4.74 17.73 -17.26
CA TYR A 418 -5.64 17.01 -18.15
C TYR A 418 -6.96 17.75 -18.31
N ALA A 419 -7.50 18.28 -17.22
CA ALA A 419 -8.75 19.01 -17.30
C ALA A 419 -8.62 20.21 -18.22
N SER A 420 -7.48 20.91 -18.13
CA SER A 420 -7.26 22.06 -18.99
C SER A 420 -6.86 21.67 -20.41
N ARG A 421 -6.58 20.39 -20.65
CA ARG A 421 -6.22 19.91 -21.98
C ARG A 421 -7.42 19.29 -22.70
N THR A 422 -8.63 19.70 -22.35
CA THR A 422 -9.85 19.11 -22.89
C THR A 422 -10.57 20.12 -23.77
N LYS A 423 -11.09 19.64 -24.90
CA LYS A 423 -11.79 20.50 -25.85
C LYS A 423 -13.01 19.75 -26.40
N VAL A 424 -13.97 20.53 -26.89
CA VAL A 424 -15.20 20.00 -27.47
C VAL A 424 -15.66 20.93 -28.57
N PHE A 425 -16.39 20.37 -29.54
CA PHE A 425 -17.04 21.15 -30.58
C PHE A 425 -18.52 20.78 -30.63
N PRO A 426 -19.38 21.70 -31.05
CA PRO A 426 -20.82 21.40 -31.07
C PRO A 426 -21.13 20.29 -32.05
N GLY A 427 -21.85 19.27 -31.57
CA GLY A 427 -22.21 18.15 -32.40
C GLY A 427 -23.39 18.45 -33.31
N GLU A 428 -23.46 17.71 -34.40
CA GLU A 428 -24.53 17.83 -35.39
C GLU A 428 -25.33 16.53 -35.45
N ARG A 429 -26.27 16.48 -36.38
CA ARG A 429 -27.10 15.30 -36.57
C ARG A 429 -26.46 14.42 -37.64
N VAL A 430 -26.10 13.19 -37.26
CA VAL A 430 -25.41 12.25 -38.14
C VAL A 430 -26.29 11.03 -38.31
N GLU A 431 -26.54 10.66 -39.57
CA GLU A 431 -27.27 9.44 -39.88
C GLU A 431 -26.31 8.26 -39.85
N HIS A 432 -26.59 7.29 -38.98
CA HIS A 432 -25.73 6.12 -38.80
C HIS A 432 -24.26 6.53 -38.80
N VAL A 433 -23.91 7.35 -37.80
CA VAL A 433 -22.55 7.87 -37.71
C VAL A 433 -21.54 6.73 -37.68
N THR A 434 -21.86 5.67 -36.96
CA THR A 434 -20.98 4.50 -36.82
C THR A 434 -19.52 4.92 -36.66
N PHE A 435 -19.30 5.83 -35.71
CA PHE A 435 -17.96 6.34 -35.47
C PHE A 435 -17.13 5.24 -34.81
N ASN A 436 -16.52 4.38 -35.62
CA ASN A 436 -15.86 3.18 -35.13
C ASN A 436 -14.45 3.45 -34.63
N PHE A 437 -14.06 4.71 -34.48
CA PHE A 437 -12.77 5.08 -33.93
C PHE A 437 -12.93 5.49 -32.46
N THR A 438 -11.84 5.35 -31.71
CA THR A 438 -11.83 5.67 -30.29
C THR A 438 -11.57 7.16 -30.08
N LEU A 439 -12.20 7.71 -29.05
CA LEU A 439 -12.17 9.14 -28.76
C LEU A 439 -11.51 9.39 -27.41
N GLU A 440 -10.74 10.47 -27.34
CA GLU A 440 -10.17 10.95 -26.09
C GLU A 440 -10.58 12.38 -25.77
N ASN A 441 -11.36 13.02 -26.62
CA ASN A 441 -11.89 14.34 -26.33
C ASN A 441 -12.86 14.28 -25.14
N GLN A 442 -12.97 15.39 -24.42
CA GLN A 442 -13.73 15.39 -23.18
C GLN A 442 -15.23 15.37 -23.45
N ILE A 443 -15.74 16.38 -24.16
CA ILE A 443 -17.17 16.56 -24.31
C ILE A 443 -17.54 16.57 -25.78
N HIS A 444 -18.81 16.32 -26.05
CA HIS A 444 -19.39 16.42 -27.38
C HIS A 444 -20.73 17.12 -27.31
N ARG A 445 -20.77 18.24 -26.59
CA ARG A 445 -22.02 18.95 -26.33
C ARG A 445 -22.77 19.22 -27.63
N GLY A 446 -24.07 18.94 -27.60
CA GLY A 446 -24.91 19.07 -28.78
C GLY A 446 -24.99 17.76 -29.53
N GLY A 447 -26.18 17.17 -29.57
CA GLY A 447 -26.33 15.88 -30.21
C GLY A 447 -27.75 15.55 -30.62
N GLN A 448 -27.92 15.06 -31.84
CA GLN A 448 -29.21 14.59 -32.33
C GLN A 448 -29.15 13.12 -32.72
N TYR A 449 -28.16 12.72 -33.51
CA TYR A 449 -27.78 11.32 -33.71
C TYR A 449 -29.00 10.43 -33.94
N PHE A 450 -29.69 10.69 -35.05
CA PHE A 450 -30.80 9.85 -35.46
C PHE A 450 -30.27 8.61 -36.17
N ASN A 451 -30.75 7.44 -35.75
CA ASN A 451 -30.34 6.16 -36.34
C ASN A 451 -28.84 5.94 -36.17
N ASP A 452 -28.37 6.06 -34.92
CA ASP A 452 -26.96 5.86 -34.63
C ASP A 452 -26.59 4.39 -34.76
N LYS A 453 -25.34 4.14 -35.16
CA LYS A 453 -24.83 2.79 -35.37
C LYS A 453 -23.42 2.66 -34.80
N PHE A 454 -23.20 3.19 -33.60
CA PHE A 454 -21.89 3.09 -32.98
C PHE A 454 -21.54 1.63 -32.71
N ILE A 455 -20.28 1.27 -32.96
CA ILE A 455 -19.84 -0.11 -32.81
C ILE A 455 -18.37 -0.12 -32.40
N GLY A 456 -18.06 -0.86 -31.35
CA GLY A 456 -16.68 -1.14 -30.99
C GLY A 456 -15.82 0.09 -30.79
N LEU A 457 -16.33 1.07 -30.05
CA LEU A 457 -15.61 2.31 -29.77
C LEU A 457 -15.22 2.36 -28.31
N ARG A 458 -13.96 2.68 -28.02
CA ARG A 458 -13.43 2.68 -26.62
C ARG A 458 -13.25 4.11 -26.14
N LEU A 459 -14.27 4.68 -25.49
CA LEU A 459 -14.18 6.04 -24.92
C LEU A 459 -13.41 5.95 -23.60
N LYS A 460 -12.41 6.81 -23.43
CA LYS A 460 -11.95 7.30 -22.09
C LYS A 460 -12.21 8.80 -22.01
N SER A 461 -12.37 9.32 -20.80
CA SER A 461 -12.65 10.75 -20.50
C SER A 461 -13.47 11.34 -21.65
N VAL A 462 -14.72 10.91 -21.82
CA VAL A 462 -15.62 11.46 -22.83
C VAL A 462 -16.98 11.71 -22.19
N SER A 463 -17.63 12.81 -22.57
CA SER A 463 -18.93 13.16 -22.05
C SER A 463 -19.83 13.63 -23.18
N PHE A 464 -21.13 13.35 -23.04
CA PHE A 464 -22.16 13.83 -23.95
C PHE A 464 -23.17 14.63 -23.16
N GLU A 465 -23.34 15.90 -23.51
CA GLU A 465 -24.28 16.79 -22.83
C GLU A 465 -25.21 17.42 -23.85
N ASP A 466 -26.48 17.55 -23.47
CA ASP A 466 -27.51 18.13 -24.35
C ASP A 466 -27.57 17.38 -25.67
N SER A 467 -27.44 16.05 -25.61
CA SER A 467 -27.48 15.20 -26.79
C SER A 467 -28.78 14.42 -26.85
N LEU A 468 -29.14 14.03 -28.06
CA LEU A 468 -30.35 13.27 -28.34
C LEU A 468 -29.99 12.01 -29.12
N PHE A 469 -30.70 10.92 -28.84
CA PHE A 469 -30.44 9.65 -29.49
C PHE A 469 -31.79 8.98 -29.77
N GLU A 470 -32.06 8.71 -31.06
CA GLU A 470 -33.27 8.04 -31.48
C GLU A 470 -32.91 6.85 -32.34
N GLU A 471 -33.45 5.67 -32.02
CA GLU A 471 -33.15 4.44 -32.79
C GLU A 471 -31.64 4.24 -32.84
N CYS A 472 -30.93 4.66 -31.80
CA CYS A 472 -29.49 4.45 -31.75
C CYS A 472 -29.17 3.03 -31.29
N TYR A 473 -27.97 2.56 -31.67
CA TYR A 473 -27.53 1.21 -31.36
C TYR A 473 -26.06 1.25 -30.97
N PHE A 474 -25.75 0.73 -29.78
CA PHE A 474 -24.39 0.54 -29.33
C PHE A 474 -24.08 -0.95 -29.32
N GLU A 475 -22.95 -1.33 -29.90
CA GLU A 475 -22.56 -2.74 -29.96
C GLU A 475 -21.63 -3.11 -28.80
N ASP A 476 -20.49 -2.44 -28.71
CA ASP A 476 -19.51 -2.73 -27.67
C ASP A 476 -18.71 -1.47 -27.38
N VAL A 477 -18.86 -0.94 -26.18
CA VAL A 477 -18.11 0.24 -25.74
C VAL A 477 -17.44 -0.10 -24.42
N THR A 478 -16.12 0.03 -24.37
CA THR A 478 -15.36 -0.14 -23.13
C THR A 478 -15.17 1.21 -22.44
N SER A 479 -16.31 1.85 -22.16
CA SER A 479 -16.28 3.19 -21.60
C SER A 479 -15.71 3.18 -20.20
N SER A 480 -14.89 4.19 -19.90
CA SER A 480 -14.30 4.38 -18.58
C SER A 480 -14.20 5.86 -18.31
N ASN A 481 -14.67 6.29 -17.14
CA ASN A 481 -14.66 7.70 -16.74
C ASN A 481 -15.57 8.55 -17.61
N THR A 482 -16.46 7.94 -18.39
CA THR A 482 -17.35 8.64 -19.29
C THR A 482 -18.78 8.53 -18.79
N PHE A 483 -19.50 9.65 -18.79
CA PHE A 483 -20.86 9.70 -18.26
C PHE A 483 -21.75 10.49 -19.21
N PHE A 484 -23.04 10.24 -19.11
CA PHE A 484 -24.06 10.86 -19.95
C PHE A 484 -24.88 11.84 -19.10
N ARG A 485 -24.91 13.09 -19.52
CA ARG A 485 -25.68 14.14 -18.85
C ARG A 485 -26.64 14.77 -19.84
N ASN A 486 -27.87 15.02 -19.40
CA ASN A 486 -28.89 15.64 -20.23
C ASN A 486 -28.95 14.95 -21.60
N CYS A 487 -29.15 13.64 -21.57
CA CYS A 487 -29.24 12.82 -22.77
C CYS A 487 -30.64 12.24 -22.86
N THR A 488 -31.35 12.54 -23.95
CA THR A 488 -32.73 12.11 -24.13
C THR A 488 -32.75 10.89 -25.07
N PHE A 489 -32.40 9.74 -24.51
CA PHE A 489 -32.51 8.50 -25.27
C PHE A 489 -33.98 8.22 -25.60
N ILE A 490 -34.22 7.71 -26.80
CA ILE A 490 -35.55 7.26 -27.19
C ILE A 490 -35.41 6.08 -28.14
N ASN A 491 -35.91 4.92 -27.72
CA ASN A 491 -35.81 3.70 -28.51
C ASN A 491 -34.36 3.36 -28.80
N THR A 492 -33.61 3.12 -27.72
CA THR A 492 -32.17 2.84 -27.81
C THR A 492 -31.89 1.47 -27.21
N VAL A 493 -31.11 0.67 -27.94
CA VAL A 493 -30.65 -0.63 -27.49
C VAL A 493 -29.14 -0.61 -27.44
N PHE A 494 -28.57 -1.07 -26.32
CA PHE A 494 -27.12 -0.99 -26.09
C PHE A 494 -26.41 -2.32 -26.22
N TYR A 495 -27.11 -3.45 -26.12
CA TYR A 495 -26.51 -4.77 -26.31
C TYR A 495 -25.40 -4.93 -25.28
N ASN A 496 -24.14 -5.12 -25.68
CA ASN A 496 -23.03 -5.20 -24.74
C ASN A 496 -22.46 -3.81 -24.52
N THR A 497 -22.40 -3.37 -23.26
CA THR A 497 -21.86 -2.07 -22.92
C THR A 497 -21.32 -2.11 -21.51
N ASP A 498 -20.58 -1.06 -21.16
CA ASP A 498 -20.13 -0.83 -19.79
C ASP A 498 -20.97 0.20 -19.07
N LEU A 499 -22.14 0.55 -19.63
CA LEU A 499 -22.98 1.59 -19.06
C LEU A 499 -23.82 1.04 -17.93
N PHE A 500 -23.77 1.70 -16.78
CA PHE A 500 -24.64 1.41 -15.65
C PHE A 500 -25.09 2.72 -15.03
N GLU A 501 -25.93 2.63 -14.00
CA GLU A 501 -26.33 3.84 -13.28
C GLU A 501 -25.11 4.55 -12.70
N TYR A 502 -24.05 3.80 -12.39
CA TYR A 502 -22.83 4.41 -11.90
C TYR A 502 -22.21 5.33 -12.94
N LYS A 503 -22.17 4.88 -14.19
CA LYS A 503 -21.58 5.65 -15.28
C LYS A 503 -22.61 6.46 -16.06
N PHE A 504 -23.82 6.61 -15.51
CA PHE A 504 -24.93 7.26 -16.20
C PHE A 504 -25.56 8.27 -15.26
N VAL A 505 -25.41 9.55 -15.59
CA VAL A 505 -25.93 10.63 -14.75
C VAL A 505 -27.43 10.80 -15.05
N ASN A 506 -28.11 11.55 -14.19
CA ASN A 506 -29.55 11.77 -14.36
C ASN A 506 -29.82 12.37 -15.74
N SER A 507 -30.84 11.83 -16.41
CA SER A 507 -31.26 12.30 -17.72
C SER A 507 -32.50 11.51 -18.12
N ARG A 508 -33.17 11.99 -19.16
CA ARG A 508 -34.42 11.39 -19.61
C ARG A 508 -34.14 10.17 -20.48
N LEU A 509 -34.68 9.02 -20.09
CA LEU A 509 -34.55 7.78 -20.84
C LEU A 509 -35.91 7.13 -20.99
N ILE A 510 -36.24 6.74 -22.22
CA ILE A 510 -37.51 6.06 -22.51
C ILE A 510 -37.24 4.93 -23.49
N ASN A 511 -37.85 3.78 -23.23
CA ASN A 511 -37.70 2.61 -24.08
C ASN A 511 -36.22 2.30 -24.34
N SER A 512 -35.44 2.33 -23.27
CA SER A 512 -34.02 1.99 -23.31
C SER A 512 -33.82 0.61 -22.71
N THR A 513 -33.00 -0.22 -23.38
CA THR A 513 -32.78 -1.59 -22.98
C THR A 513 -31.29 -1.87 -22.89
N PHE A 514 -30.91 -2.63 -21.86
CA PHE A 514 -29.52 -3.05 -21.62
C PHE A 514 -29.50 -4.57 -21.62
N LEU A 515 -29.34 -5.16 -22.81
CA LEU A 515 -29.44 -6.61 -22.94
C LEU A 515 -28.34 -7.30 -22.13
N HIS A 516 -27.10 -6.88 -22.30
CA HIS A 516 -25.97 -7.53 -21.65
C HIS A 516 -25.00 -6.47 -21.11
N ASN A 517 -24.18 -6.89 -20.14
CA ASN A 517 -23.25 -6.00 -19.48
C ASN A 517 -21.96 -6.75 -19.17
N LYS A 518 -20.91 -5.99 -18.86
CA LYS A 518 -19.58 -6.54 -18.61
C LYS A 518 -19.05 -6.05 -17.26
N GLU A 519 -18.06 -6.77 -16.74
CA GLU A 519 -17.47 -6.45 -15.46
C GLU A 519 -16.55 -5.24 -15.58
N ALA A 532 -0.28 4.18 -10.06
CA ALA A 532 0.69 3.33 -9.38
C ALA A 532 2.06 3.46 -10.03
N TYR A 533 2.05 3.53 -11.36
CA TYR A 533 3.30 3.56 -12.10
C TYR A 533 4.14 4.80 -11.80
N MET A 534 3.54 5.83 -11.18
CA MET A 534 4.22 7.10 -10.98
C MET A 534 4.38 7.49 -9.52
N VAL A 535 3.48 7.09 -8.62
CA VAL A 535 3.72 7.33 -7.20
C VAL A 535 5.01 6.63 -6.79
N TYR A 536 5.22 5.40 -7.27
CA TYR A 536 6.40 4.63 -6.89
C TYR A 536 7.67 5.27 -7.42
N PHE A 537 7.65 5.80 -8.64
CA PHE A 537 8.83 6.48 -9.16
C PHE A 537 9.17 7.72 -8.32
N VAL A 538 8.15 8.51 -7.96
CA VAL A 538 8.39 9.71 -7.18
C VAL A 538 8.96 9.35 -5.81
N SER A 539 8.37 8.35 -5.16
CA SER A 539 8.90 7.93 -3.86
C SER A 539 10.30 7.34 -3.98
N PHE A 540 10.58 6.63 -5.06
CA PHE A 540 11.92 6.10 -5.30
C PHE A 540 12.94 7.22 -5.39
N LEU A 541 12.63 8.25 -6.17
CA LEU A 541 13.55 9.39 -6.26
C LEU A 541 13.69 10.07 -4.90
N GLY A 542 12.58 10.21 -4.17
CA GLY A 542 12.66 10.84 -2.86
C GLY A 542 13.58 10.09 -1.91
N THR A 543 13.43 8.77 -1.84
CA THR A 543 14.22 7.99 -0.90
C THR A 543 15.66 7.84 -1.39
N LEU A 544 15.90 7.89 -2.69
CA LEU A 544 17.26 7.88 -3.20
C LEU A 544 17.92 9.23 -3.05
N ALA A 545 17.16 10.29 -2.80
CA ALA A 545 17.71 11.63 -2.66
C ALA A 545 18.13 11.96 -1.24
N VAL A 546 17.80 11.12 -0.26
CA VAL A 546 18.26 11.34 1.11
C VAL A 546 19.61 10.70 1.37
N LEU A 547 20.12 9.88 0.45
CA LEU A 547 21.44 9.29 0.65
C LEU A 547 22.53 10.35 0.79
N PRO A 548 22.56 11.42 -0.01
CA PRO A 548 23.53 12.49 0.27
C PRO A 548 23.41 13.04 1.68
N GLY A 549 22.19 13.13 2.20
CA GLY A 549 22.02 13.62 3.56
C GLY A 549 22.74 12.76 4.58
N ASN A 550 22.71 11.44 4.39
CA ASN A 550 23.45 10.57 5.29
C ASN A 550 24.95 10.64 5.01
N ILE A 551 25.33 10.73 3.74
CA ILE A 551 26.75 10.71 3.38
C ILE A 551 27.39 12.05 3.70
N VAL A 552 26.61 12.98 4.25
CA VAL A 552 27.15 14.18 4.87
C VAL A 552 26.98 14.14 6.39
N SER A 553 25.85 13.62 6.88
CA SER A 553 25.64 13.56 8.32
C SER A 553 26.64 12.63 9.00
N ALA A 554 26.93 11.49 8.37
CA ALA A 554 27.79 10.51 9.02
C ALA A 554 29.19 11.06 9.27
N LEU A 555 29.75 11.78 8.31
CA LEU A 555 31.13 12.23 8.40
C LEU A 555 31.27 13.58 9.09
N LEU A 556 30.19 14.12 9.64
CA LEU A 556 30.23 15.40 10.31
C LEU A 556 29.63 15.40 11.71
N MET A 557 28.91 14.34 12.11
CA MET A 557 28.25 14.38 13.41
C MET A 557 29.22 14.21 14.56
N ASP A 558 30.31 13.47 14.36
CA ASP A 558 31.35 13.41 15.38
C ASP A 558 32.18 14.69 15.40
N LYS A 559 32.27 15.40 14.28
CA LYS A 559 33.06 16.60 14.15
C LYS A 559 32.28 17.86 14.52
N ILE A 560 31.02 17.94 14.09
CA ILE A 560 30.22 19.14 14.29
C ILE A 560 29.55 19.07 15.66
N GLY A 561 28.70 18.07 15.85
CA GLY A 561 27.98 17.93 17.10
C GLY A 561 26.54 17.48 16.92
N ARG A 562 26.07 16.60 17.80
CA ARG A 562 24.73 16.06 17.67
C ARG A 562 23.67 17.15 17.84
N LEU A 563 23.78 17.92 18.93
CA LEU A 563 22.75 18.91 19.24
C LEU A 563 22.69 19.98 18.17
N ARG A 564 23.85 20.52 17.80
CA ARG A 564 23.87 21.63 16.85
C ARG A 564 23.49 21.17 15.44
N MET A 565 23.90 19.95 15.07
CA MET A 565 23.45 19.40 13.79
C MET A 565 21.94 19.22 13.79
N LEU A 566 21.38 18.74 14.89
CA LEU A 566 19.93 18.61 14.98
C LEU A 566 19.26 19.98 14.79
N ALA A 567 19.75 20.99 15.49
CA ALA A 567 19.14 22.31 15.40
C ALA A 567 19.20 22.84 13.97
N GLY A 568 20.38 22.74 13.35
CA GLY A 568 20.53 23.23 11.99
C GLY A 568 19.66 22.50 11.01
N SER A 569 19.57 21.17 11.13
CA SER A 569 18.74 20.39 10.23
C SER A 569 17.26 20.74 10.41
N SER A 570 16.83 20.92 11.66
CA SER A 570 15.43 21.27 11.89
C SER A 570 15.10 22.63 11.28
N VAL A 571 15.96 23.62 11.48
CA VAL A 571 15.68 24.94 10.93
C VAL A 571 15.75 24.91 9.40
N MET A 572 16.65 24.11 8.83
CA MET A 572 16.72 23.98 7.39
C MET A 572 15.45 23.34 6.83
N SER A 573 14.92 22.33 7.52
CA SER A 573 13.64 21.76 7.11
C SER A 573 12.53 22.79 7.20
N CYS A 574 12.57 23.62 8.26
CA CYS A 574 11.57 24.67 8.40
C CYS A 574 11.61 25.64 7.21
N VAL A 575 12.81 26.01 6.78
CA VAL A 575 12.89 26.96 5.65
C VAL A 575 12.46 26.28 4.36
N SER A 576 12.84 25.01 4.16
CA SER A 576 12.40 24.31 2.97
C SER A 576 10.89 24.09 2.95
N CYS A 577 10.25 24.16 4.12
CA CYS A 577 8.79 24.03 4.16
C CYS A 577 8.13 25.09 3.31
N PHE A 578 8.58 26.35 3.41
CA PHE A 578 8.02 27.40 2.57
C PHE A 578 8.30 27.13 1.10
N PHE A 579 9.52 26.71 0.79
CA PHE A 579 9.87 26.40 -0.59
C PHE A 579 8.95 25.35 -1.18
N LEU A 580 8.43 24.45 -0.34
CA LEU A 580 7.50 23.42 -0.79
C LEU A 580 6.46 23.98 -1.75
N SER A 581 5.99 25.21 -1.50
CA SER A 581 4.90 25.78 -2.26
C SER A 581 5.36 26.55 -3.49
N PHE A 582 6.59 27.05 -3.51
CA PHE A 582 7.05 27.84 -4.65
C PHE A 582 6.99 27.02 -5.93
N GLY A 583 7.39 25.76 -5.86
CA GLY A 583 7.44 24.91 -7.03
C GLY A 583 6.10 24.29 -7.40
N ASN A 584 5.19 25.12 -7.93
CA ASN A 584 3.92 24.60 -8.42
C ASN A 584 4.08 23.82 -9.72
N SER A 585 5.23 23.90 -10.36
CA SER A 585 5.48 23.11 -11.55
C SER A 585 5.75 21.66 -11.18
N GLU A 586 5.66 20.78 -12.18
CA GLU A 586 5.81 19.36 -11.94
C GLU A 586 7.22 19.01 -11.47
N SER A 587 8.24 19.60 -12.09
CA SER A 587 9.62 19.24 -11.76
C SER A 587 10.03 19.82 -10.41
N ALA A 588 9.60 21.05 -10.13
CA ALA A 588 9.98 21.69 -8.88
C ALA A 588 9.45 20.91 -7.69
N MET A 589 8.33 20.22 -7.84
CA MET A 589 7.79 19.44 -6.73
C MET A 589 8.70 18.29 -6.37
N ILE A 590 9.17 17.53 -7.38
CA ILE A 590 10.12 16.45 -7.11
C ILE A 590 11.40 17.03 -6.53
N ALA A 591 11.87 18.16 -7.07
CA ALA A 591 13.08 18.76 -6.55
C ALA A 591 12.93 19.10 -5.08
N LEU A 592 11.78 19.68 -4.70
CA LEU A 592 11.59 20.08 -3.32
C LEU A 592 11.40 18.88 -2.40
N LEU A 593 10.77 17.82 -2.88
CA LEU A 593 10.70 16.60 -2.07
C LEU A 593 12.10 16.06 -1.78
N CYS A 594 12.94 16.00 -2.80
CA CYS A 594 14.31 15.55 -2.59
C CYS A 594 15.03 16.44 -1.59
N LEU A 595 14.88 17.76 -1.73
CA LEU A 595 15.54 18.70 -0.82
C LEU A 595 15.07 18.48 0.61
N PHE A 596 13.77 18.35 0.81
CA PHE A 596 13.23 18.18 2.15
C PHE A 596 13.76 16.91 2.80
N GLY A 597 13.78 15.80 2.05
CA GLY A 597 14.30 14.57 2.62
C GLY A 597 15.76 14.68 2.96
N GLY A 598 16.56 15.20 2.04
CA GLY A 598 17.98 15.36 2.27
C GLY A 598 18.29 16.29 3.40
N VAL A 599 17.37 17.18 3.74
CA VAL A 599 17.58 18.10 4.85
C VAL A 599 17.16 17.49 6.18
N SER A 600 16.04 16.78 6.22
CA SER A 600 15.53 16.26 7.49
C SER A 600 16.22 14.97 7.95
N ILE A 601 16.91 14.26 7.05
CA ILE A 601 17.59 13.05 7.47
C ILE A 601 18.62 13.35 8.55
N ALA A 602 19.31 14.49 8.44
CA ALA A 602 20.31 14.84 9.43
C ALA A 602 19.69 15.00 10.80
N SER A 603 18.52 15.64 10.87
CA SER A 603 17.82 15.76 12.15
C SER A 603 17.50 14.38 12.71
N TRP A 604 17.01 13.47 11.86
CA TRP A 604 16.66 12.15 12.36
C TRP A 604 17.88 11.43 12.92
N ASN A 605 19.00 11.48 12.21
CA ASN A 605 20.21 10.80 12.68
C ASN A 605 20.69 11.40 14.00
N ALA A 606 20.72 12.73 14.08
CA ALA A 606 21.20 13.38 15.29
C ALA A 606 20.34 13.01 16.48
N LEU A 607 19.02 13.00 16.29
CA LEU A 607 18.14 12.66 17.40
C LEU A 607 18.27 11.20 17.78
N ASP A 608 18.52 10.31 16.82
CA ASP A 608 18.76 8.91 17.17
C ASP A 608 19.98 8.78 18.07
N VAL A 609 21.08 9.42 17.67
CA VAL A 609 22.29 9.35 18.50
C VAL A 609 22.04 9.94 19.88
N LEU A 610 21.34 11.07 19.94
CA LEU A 610 21.06 11.70 21.23
C LEU A 610 20.22 10.79 22.12
N THR A 611 19.17 10.19 21.56
CA THR A 611 18.30 9.35 22.35
C THR A 611 19.04 8.14 22.88
N VAL A 612 19.86 7.50 22.05
CA VAL A 612 20.58 6.32 22.52
C VAL A 612 21.61 6.72 23.57
N GLU A 613 22.23 7.90 23.42
CA GLU A 613 23.26 8.30 24.38
C GLU A 613 22.67 8.67 25.74
N LEU A 614 21.52 9.34 25.76
CA LEU A 614 21.02 9.90 27.01
C LEU A 614 20.54 8.81 27.95
N TYR A 615 19.52 8.06 27.55
CA TYR A 615 18.97 7.05 28.44
C TYR A 615 19.99 5.93 28.65
N PRO A 616 20.12 5.43 29.89
CA PRO A 616 21.03 4.30 30.13
C PRO A 616 20.41 2.98 29.67
N SER A 617 21.21 1.93 29.75
CA SER A 617 20.78 0.63 29.25
C SER A 617 19.56 0.10 29.99
N ASP A 618 19.28 0.60 31.19
CA ASP A 618 18.16 0.08 31.95
C ASP A 618 16.81 0.54 31.38
N LYS A 619 16.79 1.69 30.71
CA LYS A 619 15.54 2.23 30.18
C LYS A 619 15.70 2.74 28.75
N ARG A 620 16.80 2.44 28.08
CA ARG A 620 17.02 2.97 26.73
C ARG A 620 15.95 2.45 25.78
N THR A 621 15.77 1.13 25.74
CA THR A 621 14.84 0.55 24.78
C THR A 621 13.40 0.91 25.09
N THR A 622 13.03 0.93 26.38
CA THR A 622 11.66 1.31 26.74
C THR A 622 11.35 2.73 26.31
N ALA A 623 12.24 3.67 26.63
CA ALA A 623 12.02 5.06 26.27
C ALA A 623 11.97 5.23 24.76
N PHE A 624 12.91 4.61 24.06
CA PHE A 624 12.93 4.73 22.60
C PHE A 624 11.66 4.15 22.00
N GLY A 625 11.19 3.02 22.52
CA GLY A 625 9.98 2.41 21.98
C GLY A 625 8.76 3.26 22.23
N PHE A 626 8.67 3.89 23.41
CA PHE A 626 7.54 4.78 23.66
C PHE A 626 7.56 5.98 22.72
N LEU A 627 8.74 6.57 22.52
CA LEU A 627 8.82 7.70 21.59
C LEU A 627 8.54 7.25 20.16
N ASN A 628 8.89 6.01 19.83
CA ASN A 628 8.52 5.46 18.52
C ASN A 628 7.01 5.32 18.39
N ALA A 629 6.34 4.88 19.45
CA ALA A 629 4.89 4.80 19.43
C ALA A 629 4.27 6.18 19.23
N LEU A 630 4.81 7.18 19.91
CA LEU A 630 4.32 8.54 19.73
C LEU A 630 4.56 9.01 18.30
N CYS A 631 5.70 8.66 17.73
CA CYS A 631 5.99 9.04 16.35
C CYS A 631 5.02 8.38 15.38
N LYS A 632 4.63 7.13 15.65
CA LYS A 632 3.67 6.46 14.77
C LYS A 632 2.28 7.07 14.89
N LEU A 633 1.85 7.38 16.12
CA LEU A 633 0.57 8.08 16.28
C LEU A 633 0.59 9.42 15.56
N ALA A 634 1.71 10.15 15.66
CA ALA A 634 1.85 11.40 14.95
C ALA A 634 1.85 11.18 13.45
N ALA A 635 2.40 10.06 12.98
CA ALA A 635 2.33 9.75 11.56
C ALA A 635 0.90 9.57 11.10
N VAL A 636 0.10 8.87 11.90
CA VAL A 636 -1.33 8.71 11.58
C VAL A 636 -1.99 10.07 11.49
N LEU A 637 -1.79 10.90 12.52
CA LEU A 637 -2.44 12.22 12.53
C LEU A 637 -1.99 13.07 11.37
N GLY A 638 -0.69 13.04 11.05
CA GLY A 638 -0.19 13.82 9.94
C GLY A 638 -0.76 13.39 8.61
N ILE A 639 -0.77 12.07 8.36
CA ILE A 639 -1.36 11.57 7.12
C ILE A 639 -2.80 12.03 7.00
N SER A 640 -3.58 11.80 8.06
CA SER A 640 -4.99 12.16 8.02
C SER A 640 -5.15 13.66 7.73
N ILE A 641 -4.49 14.51 8.51
CA ILE A 641 -4.71 15.94 8.40
C ILE A 641 -4.25 16.46 7.05
N PHE A 642 -3.08 16.01 6.58
CA PHE A 642 -2.54 16.56 5.35
C PHE A 642 -3.32 16.10 4.13
N THR A 643 -3.69 14.81 4.08
CA THR A 643 -4.53 14.36 2.98
C THR A 643 -5.94 14.92 3.08
N SER A 644 -6.34 15.42 4.25
CA SER A 644 -7.66 16.04 4.37
C SER A 644 -7.79 17.30 3.52
N PHE A 645 -6.70 18.04 3.33
CA PHE A 645 -6.74 19.31 2.61
C PHE A 645 -5.67 19.36 1.52
N VAL A 646 -5.58 18.31 0.70
CA VAL A 646 -4.67 18.33 -0.43
C VAL A 646 -5.20 19.30 -1.48
N GLY A 647 -4.36 20.27 -1.85
CA GLY A 647 -4.75 21.25 -2.84
C GLY A 647 -5.62 22.37 -2.33
N ILE A 648 -5.54 22.69 -1.04
CA ILE A 648 -6.32 23.78 -0.46
C ILE A 648 -5.37 24.96 -0.32
N THR A 649 -5.30 25.77 -1.37
CA THR A 649 -4.46 26.97 -1.44
C THR A 649 -2.99 26.69 -1.21
N LYS A 650 -2.58 25.42 -1.14
CA LYS A 650 -1.19 25.06 -0.93
C LYS A 650 -0.59 25.84 0.24
N ALA A 651 -1.37 25.94 1.32
CA ALA A 651 -0.93 26.69 2.49
C ALA A 651 -1.07 25.89 3.78
N ALA A 652 -2.12 25.08 3.92
CA ALA A 652 -2.27 24.28 5.13
C ALA A 652 -1.09 23.35 5.34
N PRO A 653 -0.65 22.55 4.36
CA PRO A 653 0.57 21.77 4.54
C PRO A 653 1.84 22.62 4.55
N ILE A 654 1.74 23.91 4.25
CA ILE A 654 2.89 24.81 4.28
C ILE A 654 2.92 25.65 5.56
N LEU A 655 1.79 25.80 6.25
CA LEU A 655 1.77 26.50 7.53
C LEU A 655 1.89 25.53 8.69
N PHE A 656 1.13 24.43 8.65
CA PHE A 656 1.18 23.49 9.76
C PHE A 656 2.56 22.84 9.88
N ALA A 657 3.15 22.44 8.74
CA ALA A 657 4.47 21.86 8.79
C ALA A 657 5.50 22.86 9.31
N SER A 658 5.41 24.10 8.86
CA SER A 658 6.34 25.12 9.33
C SER A 658 6.21 25.32 10.84
N ALA A 659 4.99 25.39 11.36
CA ALA A 659 4.81 25.56 12.79
C ALA A 659 5.35 24.37 13.56
N ALA A 660 5.08 23.15 13.09
CA ALA A 660 5.55 21.97 13.79
C ALA A 660 7.07 21.92 13.83
N LEU A 661 7.72 22.22 12.71
CA LEU A 661 9.18 22.21 12.70
C LEU A 661 9.74 23.38 13.50
N ALA A 662 9.00 24.48 13.61
CA ALA A 662 9.45 25.56 14.48
C ALA A 662 9.45 25.12 15.93
N LEU A 663 8.40 24.41 16.35
CA LEU A 663 8.41 23.83 17.69
C LEU A 663 9.56 22.85 17.84
N GLY A 664 9.81 22.04 16.83
CA GLY A 664 10.90 21.07 16.91
C GLY A 664 12.25 21.74 17.10
N SER A 665 12.51 22.78 16.31
CA SER A 665 13.77 23.51 16.43
C SER A 665 13.87 24.22 17.78
N SER A 666 12.76 24.79 18.26
CA SER A 666 12.79 25.45 19.56
C SER A 666 13.12 24.46 20.66
N LEU A 667 12.52 23.27 20.61
CA LEU A 667 12.78 22.26 21.64
C LEU A 667 14.20 21.72 21.54
N ALA A 668 14.71 21.55 20.31
CA ALA A 668 16.02 20.94 20.12
C ALA A 668 17.13 21.70 20.83
N LEU A 669 16.94 22.98 21.14
CA LEU A 669 17.96 23.78 21.80
C LEU A 669 17.86 23.71 23.32
N LYS A 670 16.96 22.88 23.86
CA LYS A 670 16.76 22.78 25.30
C LYS A 670 17.06 21.38 25.83
N LEU A 671 17.79 20.54 25.05
CA LEU A 671 18.06 19.18 25.51
C LEU A 671 19.40 19.13 26.25
N PRO A 672 19.56 18.20 27.19
CA PRO A 672 20.87 18.05 27.84
C PRO A 672 21.93 17.60 26.84
N GLU A 673 23.18 17.92 27.17
CA GLU A 673 24.29 17.60 26.29
C GLU A 673 24.41 16.09 26.12
N THR A 674 25.35 15.65 25.27
CA THR A 674 25.49 14.23 25.00
C THR A 674 25.87 13.44 26.24
N ARG A 675 26.41 14.11 27.27
CA ARG A 675 26.81 13.39 28.48
C ARG A 675 25.61 12.94 29.30
N GLY A 676 24.50 13.66 29.22
CA GLY A 676 23.31 13.30 29.98
C GLY A 676 22.83 11.90 29.71
N GLN B 1 -43.14 -7.42 -36.15
CA GLN B 1 -43.09 -8.56 -35.25
C GLN B 1 -42.40 -9.76 -35.91
N VAL B 2 -41.34 -10.27 -35.26
CA VAL B 2 -40.55 -11.44 -35.62
C VAL B 2 -41.03 -12.57 -34.73
N GLN B 3 -41.37 -13.74 -35.27
CA GLN B 3 -41.83 -14.79 -34.39
C GLN B 3 -40.66 -15.55 -33.85
N LEU B 4 -40.54 -15.62 -32.53
CA LEU B 4 -39.42 -16.34 -31.96
C LEU B 4 -39.90 -17.72 -31.51
N VAL B 5 -38.99 -18.68 -31.51
CA VAL B 5 -39.25 -20.03 -31.09
C VAL B 5 -38.33 -20.43 -29.93
N GLU B 6 -38.95 -20.96 -28.87
CA GLU B 6 -38.28 -21.45 -27.66
C GLU B 6 -38.33 -22.98 -27.58
N SER B 7 -37.34 -23.61 -26.94
CA SER B 7 -37.31 -25.07 -26.74
C SER B 7 -36.29 -25.53 -25.71
N GLY B 8 -36.19 -26.85 -25.57
CA GLY B 8 -35.14 -27.51 -24.77
C GLY B 8 -35.28 -27.61 -23.25
N GLY B 9 -36.48 -27.52 -22.69
CA GLY B 9 -36.56 -27.60 -21.23
C GLY B 9 -36.55 -29.06 -20.74
N GLY B 10 -36.68 -29.25 -19.43
CA GLY B 10 -36.70 -30.59 -18.82
C GLY B 10 -35.44 -30.91 -18.00
N LEU B 11 -35.42 -32.13 -17.45
CA LEU B 11 -34.34 -32.64 -16.57
C LEU B 11 -33.13 -33.22 -17.28
N VAL B 12 -31.97 -32.72 -16.89
CA VAL B 12 -30.67 -33.19 -17.39
C VAL B 12 -29.73 -33.43 -16.23
N GLN B 13 -28.94 -34.48 -16.24
CA GLN B 13 -28.03 -34.77 -15.13
C GLN B 13 -26.78 -33.88 -15.20
N PRO B 14 -26.06 -33.60 -14.11
CA PRO B 14 -24.82 -32.90 -14.16
C PRO B 14 -23.93 -33.84 -14.92
N GLY B 15 -23.14 -33.34 -15.83
CA GLY B 15 -22.26 -34.16 -16.63
C GLY B 15 -22.90 -34.46 -17.98
N GLY B 16 -24.21 -34.22 -18.10
CA GLY B 16 -24.94 -34.43 -19.34
C GLY B 16 -25.10 -33.08 -19.99
N SER B 17 -25.89 -33.01 -21.05
CA SER B 17 -26.08 -31.74 -21.73
C SER B 17 -27.40 -31.60 -22.42
N LEU B 18 -27.77 -30.35 -22.67
CA LEU B 18 -28.96 -30.02 -23.42
C LEU B 18 -28.69 -29.02 -24.51
N ARG B 19 -29.41 -29.15 -25.61
CA ARG B 19 -29.32 -28.16 -26.68
C ARG B 19 -30.59 -27.34 -26.73
N LEU B 20 -30.47 -26.10 -26.31
CA LEU B 20 -31.59 -25.21 -26.30
C LEU B 20 -31.43 -24.34 -27.51
N SER B 21 -32.28 -24.57 -28.48
CA SER B 21 -32.13 -23.88 -29.75
C SER B 21 -33.18 -22.77 -29.98
N CYS B 22 -32.68 -21.52 -30.16
CA CYS B 22 -33.48 -20.34 -30.48
C CYS B 22 -33.71 -20.33 -31.98
N ALA B 23 -34.91 -20.00 -32.39
CA ALA B 23 -35.13 -19.86 -33.83
C ALA B 23 -36.13 -18.80 -34.09
N ALA B 24 -36.04 -18.16 -35.25
CA ALA B 24 -37.03 -17.16 -35.55
C ALA B 24 -37.35 -17.07 -37.02
N SER B 25 -38.55 -16.56 -37.30
CA SER B 25 -38.99 -16.34 -38.67
C SER B 25 -39.91 -15.16 -38.86
N GLY B 26 -39.71 -14.45 -39.97
CA GLY B 26 -40.55 -13.32 -40.35
C GLY B 26 -39.88 -12.01 -40.01
N SER B 27 -39.85 -11.09 -40.98
CA SER B 27 -39.25 -9.78 -40.75
C SER B 27 -37.83 -9.81 -40.17
N ILE B 28 -36.96 -10.66 -40.72
CA ILE B 28 -35.59 -10.74 -40.22
C ILE B 28 -34.65 -10.06 -41.19
N PHE B 29 -33.95 -9.05 -40.71
CA PHE B 29 -33.06 -8.26 -41.54
C PHE B 29 -31.66 -8.20 -40.97
N ASN B 30 -30.87 -9.27 -41.13
CA ASN B 30 -29.52 -9.30 -40.55
C ASN B 30 -29.53 -8.95 -39.07
N MET B 31 -30.44 -9.58 -38.35
CA MET B 31 -30.66 -9.37 -36.92
C MET B 31 -29.56 -9.90 -36.04
N ARG B 32 -29.54 -9.39 -34.82
CA ARG B 32 -28.65 -9.88 -33.81
C ARG B 32 -29.48 -11.08 -33.34
N VAL B 33 -28.98 -12.28 -33.60
CA VAL B 33 -29.81 -13.45 -33.38
C VAL B 33 -29.75 -13.78 -31.90
N MET B 34 -30.92 -14.09 -31.39
CA MET B 34 -31.21 -14.36 -29.99
C MET B 34 -30.13 -14.92 -29.10
N GLY B 35 -29.88 -14.18 -28.01
CA GLY B 35 -28.94 -14.58 -26.99
C GLY B 35 -29.73 -15.22 -25.86
N TRP B 36 -29.04 -15.64 -24.79
CA TRP B 36 -29.73 -16.28 -23.68
C TRP B 36 -29.67 -15.58 -22.33
N TYR B 37 -30.82 -15.68 -21.61
CA TYR B 37 -31.06 -15.23 -20.21
C TYR B 37 -31.71 -16.26 -19.26
N ARG B 38 -31.37 -16.18 -17.96
CA ARG B 38 -31.94 -17.03 -16.89
C ARG B 38 -32.87 -16.31 -15.92
N GLN B 39 -34.13 -16.68 -15.95
CA GLN B 39 -35.14 -16.10 -15.09
C GLN B 39 -35.29 -16.91 -13.80
N ALA B 40 -35.14 -16.26 -12.64
CA ALA B 40 -35.23 -16.92 -11.32
C ALA B 40 -36.62 -16.71 -10.72
N PRO B 41 -36.93 -17.32 -9.56
CA PRO B 41 -38.21 -17.05 -8.91
C PRO B 41 -38.36 -15.54 -8.68
N GLY B 42 -37.30 -14.87 -8.22
CA GLY B 42 -37.30 -13.42 -8.02
C GLY B 42 -37.38 -12.69 -9.35
N GLU B 43 -38.10 -11.57 -9.42
CA GLU B 43 -38.27 -10.83 -10.68
C GLU B 43 -36.91 -10.32 -11.16
N GLN B 44 -36.27 -11.02 -12.10
CA GLN B 44 -34.95 -10.62 -12.65
C GLN B 44 -34.54 -11.64 -13.72
N ARG B 45 -33.76 -11.24 -14.73
CA ARG B 45 -33.28 -12.14 -15.82
C ARG B 45 -31.76 -12.02 -15.92
N GLU B 46 -31.02 -13.01 -15.44
CA GLU B 46 -29.55 -13.00 -15.55
C GLU B 46 -29.05 -13.29 -16.96
N SER B 47 -28.09 -12.51 -17.44
CA SER B 47 -27.54 -12.78 -18.76
C SER B 47 -26.80 -14.10 -18.75
N VAL B 48 -26.85 -14.84 -19.84
CA VAL B 48 -26.06 -16.05 -19.92
C VAL B 48 -24.96 -15.87 -20.91
N ALA B 49 -25.37 -15.68 -22.17
CA ALA B 49 -24.40 -15.61 -23.25
C ALA B 49 -24.99 -15.18 -24.59
N SER B 50 -24.13 -14.66 -25.49
CA SER B 50 -24.54 -14.39 -26.86
C SER B 50 -23.46 -14.47 -27.95
N MET B 51 -23.81 -15.09 -29.09
CA MET B 51 -22.97 -15.25 -30.32
C MET B 51 -23.76 -14.68 -31.49
N ALA B 52 -24.61 -13.74 -31.13
CA ALA B 52 -25.59 -13.10 -32.01
C ALA B 52 -25.07 -12.36 -33.24
N SER B 53 -23.85 -11.81 -33.19
CA SER B 53 -23.35 -11.03 -34.31
C SER B 53 -21.89 -11.34 -34.63
N GLY B 54 -21.65 -11.51 -35.93
CA GLY B 54 -20.32 -11.84 -36.39
C GLY B 54 -20.03 -13.22 -35.85
N ASP B 55 -18.76 -13.47 -35.59
CA ASP B 55 -18.28 -14.72 -35.05
C ASP B 55 -17.76 -14.52 -33.64
N LYS B 56 -18.15 -13.42 -33.00
CA LYS B 56 -17.60 -13.12 -31.69
C LYS B 56 -18.61 -13.36 -30.61
N THR B 57 -18.13 -13.53 -29.40
CA THR B 57 -19.08 -13.74 -28.34
C THR B 57 -18.72 -13.20 -27.00
N THR B 58 -19.78 -12.92 -26.24
CA THR B 58 -19.65 -12.54 -24.85
C THR B 58 -20.41 -13.53 -24.01
N TYR B 59 -19.73 -14.14 -23.06
CA TYR B 59 -20.36 -15.06 -22.15
C TYR B 59 -20.25 -14.41 -20.79
N ALA B 60 -21.25 -14.60 -19.94
CA ALA B 60 -21.18 -14.07 -18.58
C ALA B 60 -20.07 -14.80 -17.82
N ASP B 61 -19.43 -14.12 -16.89
CA ASP B 61 -18.41 -14.82 -16.13
C ASP B 61 -19.01 -15.88 -15.23
N SER B 62 -20.27 -15.71 -14.89
CA SER B 62 -20.98 -16.61 -14.03
C SER B 62 -21.30 -17.93 -14.70
N VAL B 63 -21.08 -18.02 -16.02
CA VAL B 63 -21.42 -19.25 -16.78
C VAL B 63 -20.15 -19.81 -17.43
N LYS B 64 -18.97 -19.40 -16.92
CA LYS B 64 -17.70 -19.92 -17.46
C LYS B 64 -17.72 -21.46 -17.34
N GLY B 65 -17.40 -22.15 -18.44
CA GLY B 65 -17.42 -23.63 -18.43
C GLY B 65 -18.76 -24.16 -17.98
N ARG B 66 -19.85 -23.58 -18.47
CA ARG B 66 -21.22 -24.05 -18.10
C ARG B 66 -22.15 -23.81 -19.29
N PHE B 67 -22.18 -22.58 -19.83
CA PHE B 67 -23.00 -22.28 -21.00
C PHE B 67 -22.22 -21.80 -22.21
N THR B 68 -22.30 -22.58 -23.30
CA THR B 68 -21.61 -22.28 -24.58
C THR B 68 -22.57 -21.95 -25.71
N ILE B 69 -22.29 -20.89 -26.45
CA ILE B 69 -23.15 -20.47 -27.55
C ILE B 69 -22.49 -20.59 -28.90
N SER B 70 -23.24 -21.20 -29.83
CA SER B 70 -22.90 -21.39 -31.24
C SER B 70 -24.04 -20.91 -32.13
N ARG B 71 -23.73 -20.15 -33.18
CA ARG B 71 -24.77 -19.58 -34.06
C ARG B 71 -24.68 -20.00 -35.51
N ASP B 72 -25.85 -20.12 -36.16
CA ASP B 72 -25.90 -20.44 -37.61
C ASP B 72 -26.82 -19.42 -38.27
N ASN B 73 -26.29 -18.28 -38.72
CA ASN B 73 -27.14 -17.20 -39.29
C ASN B 73 -27.93 -17.73 -40.49
N ALA B 74 -27.29 -18.55 -41.33
CA ALA B 74 -27.98 -19.08 -42.53
C ALA B 74 -29.31 -19.74 -42.13
N LYS B 75 -29.56 -19.87 -40.83
CA LYS B 75 -30.77 -20.51 -40.37
C LYS B 75 -31.57 -19.60 -39.45
N ASN B 76 -30.97 -18.49 -39.01
CA ASN B 76 -31.56 -17.59 -38.02
C ASN B 76 -31.78 -18.33 -36.71
N THR B 77 -30.77 -19.14 -36.32
CA THR B 77 -30.84 -19.85 -35.05
C THR B 77 -29.58 -19.73 -34.19
N VAL B 78 -29.77 -19.88 -32.89
CA VAL B 78 -28.71 -19.94 -31.87
C VAL B 78 -28.83 -21.12 -30.95
N ALA B 79 -27.74 -21.88 -30.83
CA ALA B 79 -27.79 -23.04 -29.97
C ALA B 79 -26.99 -22.86 -28.69
N LEU B 80 -27.69 -23.06 -27.60
CA LEU B 80 -27.10 -23.06 -26.29
C LEU B 80 -26.81 -24.45 -25.88
N GLN B 81 -25.53 -24.70 -25.67
CA GLN B 81 -25.05 -26.00 -25.28
C GLN B 81 -24.85 -25.98 -23.79
N MET B 82 -25.78 -26.58 -23.08
CA MET B 82 -25.74 -26.54 -21.66
C MET B 82 -24.91 -27.67 -21.16
N ASN B 83 -23.95 -27.40 -20.30
CA ASN B 83 -23.08 -28.41 -19.73
C ASN B 83 -22.78 -28.03 -18.28
N SER B 84 -22.01 -28.86 -17.55
CA SER B 84 -21.64 -28.55 -16.15
C SER B 84 -22.87 -28.13 -15.33
N LEU B 85 -23.94 -28.87 -15.46
CA LEU B 85 -25.17 -28.47 -14.84
C LEU B 85 -25.33 -28.87 -13.41
N LYS B 86 -24.64 -28.12 -12.58
CA LYS B 86 -24.63 -28.26 -11.14
C LYS B 86 -26.10 -28.21 -10.71
N PRO B 87 -26.61 -29.15 -9.86
CA PRO B 87 -28.01 -29.27 -9.42
C PRO B 87 -28.75 -28.06 -8.91
N GLU B 88 -28.10 -27.13 -8.25
CA GLU B 88 -28.81 -25.97 -7.77
C GLU B 88 -29.11 -24.93 -8.86
N ASP B 89 -28.36 -24.96 -9.96
CA ASP B 89 -28.48 -23.91 -10.95
C ASP B 89 -29.55 -24.13 -11.99
N THR B 90 -30.79 -24.08 -11.55
CA THR B 90 -31.91 -24.28 -12.44
C THR B 90 -32.45 -22.93 -12.84
N ALA B 91 -33.19 -22.84 -13.93
CA ALA B 91 -33.78 -21.55 -14.34
C ALA B 91 -34.71 -21.69 -15.52
N VAL B 92 -35.48 -20.64 -15.79
CA VAL B 92 -36.19 -20.61 -17.07
C VAL B 92 -35.30 -19.86 -18.03
N TYR B 93 -35.00 -20.49 -19.15
CA TYR B 93 -34.10 -19.95 -20.13
C TYR B 93 -34.86 -19.24 -21.23
N TYR B 94 -34.42 -18.02 -21.52
CA TYR B 94 -35.05 -17.17 -22.52
C TYR B 94 -34.18 -16.74 -23.69
N CYS B 95 -34.82 -16.62 -24.89
CA CYS B 95 -34.24 -16.10 -26.13
C CYS B 95 -34.56 -14.58 -26.24
N HIS B 96 -33.49 -13.79 -26.43
CA HIS B 96 -33.62 -12.32 -26.56
C HIS B 96 -33.09 -11.83 -27.90
N ALA B 97 -34.00 -11.39 -28.78
CA ALA B 97 -33.66 -10.99 -30.16
C ALA B 97 -33.55 -9.48 -30.32
N VAL B 98 -32.62 -9.02 -31.18
CA VAL B 98 -32.60 -7.57 -31.46
C VAL B 98 -32.71 -7.30 -32.96
N ASP B 99 -33.72 -6.50 -33.31
CA ASP B 99 -34.04 -6.09 -34.66
C ASP B 99 -33.18 -4.92 -35.06
N LEU B 100 -32.42 -5.08 -36.13
CA LEU B 100 -31.48 -4.07 -36.61
C LEU B 100 -31.95 -3.39 -37.91
N THR B 101 -33.26 -3.41 -38.15
CA THR B 101 -33.90 -2.86 -39.34
C THR B 101 -33.94 -1.33 -39.47
N ARG B 102 -34.45 -0.91 -40.62
CA ARG B 102 -34.52 0.49 -41.07
C ARG B 102 -35.37 1.41 -40.21
N ASN B 103 -36.24 0.84 -39.42
CA ASN B 103 -37.11 1.60 -38.56
C ASN B 103 -36.49 1.77 -37.17
N GLY B 104 -35.25 1.31 -37.04
CA GLY B 104 -34.48 1.39 -35.82
C GLY B 104 -34.64 0.14 -34.97
N PRO B 105 -33.93 0.06 -33.84
CA PRO B 105 -33.90 -1.07 -32.95
C PRO B 105 -35.25 -1.45 -32.37
N ARG B 106 -35.50 -2.75 -32.29
CA ARG B 106 -36.72 -3.30 -31.67
C ARG B 106 -36.29 -4.59 -30.98
N VAL B 107 -36.91 -5.00 -29.89
CA VAL B 107 -36.47 -6.29 -29.34
C VAL B 107 -37.63 -7.23 -29.14
N TYR B 108 -37.31 -8.51 -29.11
CA TYR B 108 -38.34 -9.52 -28.90
C TYR B 108 -37.91 -10.53 -27.85
N TRP B 109 -38.88 -11.01 -27.07
CA TRP B 109 -38.62 -12.07 -26.09
C TRP B 109 -39.57 -13.23 -26.23
N GLY B 110 -39.07 -14.44 -25.97
CA GLY B 110 -39.95 -15.61 -25.96
C GLY B 110 -40.53 -15.81 -24.55
N GLN B 111 -41.33 -16.87 -24.36
CA GLN B 111 -41.93 -17.16 -23.05
C GLN B 111 -40.96 -17.90 -22.10
N GLY B 112 -39.91 -18.46 -22.67
CA GLY B 112 -38.85 -19.19 -21.98
C GLY B 112 -39.14 -20.67 -21.74
N THR B 113 -38.09 -21.46 -21.49
CA THR B 113 -38.26 -22.89 -21.17
C THR B 113 -37.55 -23.26 -19.86
N GLN B 114 -38.18 -24.12 -19.07
CA GLN B 114 -37.62 -24.49 -17.77
C GLN B 114 -36.65 -25.66 -17.82
N VAL B 115 -35.47 -25.43 -17.29
CA VAL B 115 -34.45 -26.47 -17.20
C VAL B 115 -34.16 -26.78 -15.75
N THR B 116 -34.22 -28.07 -15.47
CA THR B 116 -33.98 -28.63 -14.15
C THR B 116 -32.90 -29.70 -14.24
N VAL B 117 -32.43 -30.17 -13.08
CA VAL B 117 -31.33 -31.11 -13.11
C VAL B 117 -31.65 -32.46 -12.48
N SER B 118 -31.37 -33.52 -13.24
CA SER B 118 -31.56 -34.92 -12.87
C SER B 118 -30.42 -35.36 -11.94
N SER B 119 -30.69 -36.29 -11.00
CA SER B 119 -29.70 -36.86 -10.08
C SER B 119 -30.28 -38.14 -9.47
C1 NAG C . -42.19 2.39 -25.89
C2 NAG C . -43.00 2.98 -24.75
C3 NAG C . -44.37 2.31 -24.68
C4 NAG C . -45.06 2.34 -26.04
C5 NAG C . -44.14 1.85 -27.14
C6 NAG C . -44.72 2.05 -28.53
C7 NAG C . -42.60 3.58 -22.41
C8 NAG C . -41.77 3.31 -21.18
N2 NAG C . -42.31 2.85 -23.48
O3 NAG C . -45.17 2.96 -23.71
O4 NAG C . -46.21 1.50 -26.00
O5 NAG C . -42.89 2.56 -27.12
O6 NAG C . -44.24 3.24 -29.13
O7 NAG C . -43.49 4.42 -22.41
C1 NAG C . -47.42 2.23 -25.72
C2 NAG C . -48.58 1.29 -26.04
C3 NAG C . -49.50 1.17 -24.84
C4 NAG C . -49.90 2.54 -24.30
C5 NAG C . -48.67 3.42 -24.09
C6 NAG C . -48.53 3.92 -22.68
C7 NAG C . -49.02 1.36 -28.46
C8 NAG C . -49.88 1.93 -29.54
N2 NAG C . -49.31 1.75 -27.21
O3 NAG C . -48.84 0.43 -23.81
O4 NAG C . -50.78 3.20 -25.19
O5 NAG C . -47.49 2.65 -24.37
O6 NAG C . -47.57 4.96 -22.59
O7 NAG C . -48.09 0.59 -28.70
C1 BMA C . -51.98 2.43 -25.45
C2 BMA C . -53.19 3.09 -24.74
C3 BMA C . -54.03 3.94 -25.71
C4 BMA C . -54.40 3.18 -27.01
C5 BMA C . -53.51 1.96 -27.22
C6 BMA C . -53.49 1.47 -28.66
O2 BMA C . -52.75 3.97 -23.71
O3 BMA C . -53.39 5.16 -26.03
O4 BMA C . -55.76 2.77 -26.96
O5 BMA C . -52.18 2.33 -26.86
O6 BMA C . -54.82 1.18 -29.05
C1 NAG D . -31.54 19.49 -20.91
C2 NAG D . -31.67 20.90 -20.33
C3 NAG D . -32.92 21.58 -20.87
C4 NAG D . -32.96 21.52 -22.39
C5 NAG D . -32.72 20.10 -22.90
C6 NAG D . -32.56 20.02 -24.39
C7 NAG D . -30.57 20.92 -18.13
C8 NAG D . -30.78 20.89 -16.65
N2 NAG D . -31.68 20.88 -18.88
O3 NAG D . -32.95 22.94 -20.43
O4 NAG D . -34.24 21.96 -22.85
O5 NAG D . -31.51 19.57 -22.32
O6 NAG D . -31.69 18.96 -24.77
O7 NAG D . -29.46 21.00 -18.63
C1 NAG D . -34.11 22.86 -23.96
C2 NAG D . -35.34 22.72 -24.84
C3 NAG D . -35.28 23.70 -26.00
C4 NAG D . -35.07 25.12 -25.48
C5 NAG D . -33.85 25.17 -24.58
C6 NAG D . -33.65 26.51 -23.93
C7 NAG D . -36.15 20.40 -24.69
C8 NAG D . -36.19 19.06 -25.35
N2 NAG D . -35.47 21.36 -25.34
O3 NAG D . -36.49 23.63 -26.75
O4 NAG D . -34.89 26.01 -26.57
O5 NAG D . -33.99 24.22 -23.51
O6 NAG D . -33.31 27.51 -24.88
O7 NAG D . -36.72 20.62 -23.63
C1 NAG E . -14.22 2.02 -39.64
C2 NAG E . -14.37 0.66 -40.34
C3 NAG E . -13.49 0.60 -41.60
C4 NAG E . -13.70 1.84 -42.48
C5 NAG E . -13.55 3.08 -41.63
C6 NAG E . -13.73 4.35 -42.45
C7 NAG E . -14.88 -1.07 -38.68
C8 NAG E . -14.33 -2.05 -37.70
N2 NAG E . -14.00 -0.41 -39.44
O3 NAG E . -13.78 -0.61 -42.31
O4 NAG E . -12.68 1.95 -43.48
O5 NAG E . -14.50 3.06 -40.57
O6 NAG E . -15.07 4.39 -42.91
O7 NAG E . -16.10 -0.89 -38.78
C1 NAG E . -13.19 1.94 -44.83
C2 NAG E . -12.19 2.69 -45.70
C3 NAG E . -12.63 2.69 -47.18
C4 NAG E . -13.21 1.36 -47.68
C5 NAG E . -14.04 0.62 -46.62
C6 NAG E . -14.61 -0.67 -47.17
C7 NAG E . -11.11 4.46 -44.39
C8 NAG E . -11.19 5.88 -43.91
N2 NAG E . -12.05 4.07 -45.25
O3 NAG E . -11.58 3.26 -47.96
O4 NAG E . -13.88 1.52 -48.94
O5 NAG E . -13.38 0.63 -45.34
O6 NAG E . -13.53 -1.55 -47.47
O7 NAG E . -10.22 3.71 -44.01
C11 X49 F . 12.45 8.39 8.87
C12 X49 F . 12.92 9.15 7.64
C13 X49 F . 14.43 9.20 7.54
C14 X49 F . 14.91 10.04 6.37
C01 X49 F . 9.76 6.13 14.90
C03 X49 F . 11.79 6.77 16.07
C04 X49 F . 12.83 6.77 15.02
C07 X49 F . 14.08 6.10 11.83
C08 X49 F . 13.08 5.42 10.94
C10 X49 F . 13.35 7.24 9.18
C15 X49 F . 14.08 11.26 6.21
C19 X49 F . 11.05 7.72 8.86
C20 X49 F . 11.17 6.63 9.90
C22 X49 F . 15.36 6.52 11.69
C24 X49 F . 14.87 7.04 13.68
C26 X49 F . 16.21 6.42 10.50
F16 X49 F . 12.84 10.96 5.79
F17 X49 F . 14.53 12.12 5.29
F18 X49 F . 13.95 11.92 7.38
F27 X49 F . 16.54 7.62 9.97
F28 X49 F . 17.39 5.82 10.81
F29 X49 F . 15.66 5.71 9.52
N05 X49 F . 12.63 6.30 13.87
N06 X49 F . 13.79 6.45 13.11
N09 X49 F . 12.52 6.41 10.04
N23 X49 F . 15.84 7.10 12.85
O02 X49 F . 10.64 7.18 15.35
O21 X49 F . 10.29 6.05 10.50
S25 X49 F . 14.48 7.49 15.37
CAA Y01 G . 22.31 18.48 0.97
CBA Y01 G . 23.05 17.64 2.00
CAB Y01 G . 23.63 16.40 1.35
CAN Y01 G . 22.14 17.28 3.17
CAJ Y01 G . 21.46 18.44 3.85
CAO Y01 G . 21.29 18.22 5.33
CBB Y01 G . 21.33 19.52 6.17
CAC Y01 G . 20.13 19.58 7.11
CBE Y01 G . 22.68 19.60 6.91
CAP Y01 G . 23.87 19.61 5.92
CAQ Y01 G . 24.92 20.58 6.46
CBG Y01 G . 24.49 20.80 7.91
CBI Y01 G . 22.95 20.82 7.86
CAE Y01 G . 22.39 22.11 7.23
CAU Y01 G . 22.49 20.66 9.30
CAS Y01 G . 23.03 21.78 10.20
CBF Y01 G . 24.56 21.95 10.13
CBD Y01 G . 25.10 21.94 8.68
CAK Y01 G . 26.61 21.85 8.70
CAI Y01 G . 27.24 22.67 9.77
CAZ Y01 G . 26.57 23.35 10.69
CAV Y01 G . 27.30 24.30 11.61
CBH Y01 G . 25.07 23.19 10.92
CAD Y01 G . 24.37 24.49 10.48
CAT Y01 G . 24.84 22.97 12.44
CAR Y01 G . 25.58 23.96 13.33
CBC Y01 G . 27.06 23.90 13.06
OAW Y01 G . 27.78 24.85 13.91
CAY Y01 G . 29.10 24.98 13.78
OAG Y01 G . 29.64 26.05 13.75
CAM Y01 G . 29.83 23.67 13.69
CAL Y01 G . 31.34 23.76 13.69
CAX Y01 G . 32.06 22.45 13.99
OAH Y01 G . 32.75 21.94 13.10
OAF Y01 G . 31.94 21.98 15.14
O1 PS1 H . 14.79 32.43 21.06
O2 PS1 H . 13.77 30.40 22.03
P1 PS1 H . 14.86 30.91 21.12
O3 PS1 H . 16.33 30.47 21.75
C1 PS1 H . 16.33 29.73 22.93
C2 PS1 H . 17.77 29.38 23.32
C3 PS1 H . 17.78 28.85 24.75
O4 PS1 H . 18.53 29.38 25.62
O5 PS1 H . 17.05 27.86 25.07
N1 PS1 H . 18.28 28.37 22.43
O6 PS1 H . 14.67 30.31 19.61
C4 PS1 H . 13.37 30.02 19.18
C5 PS1 H . 13.11 30.71 17.84
C6 PS1 H . 13.88 29.96 16.73
O7 PS1 H . 13.00 29.60 15.71
C7 PS1 H . 13.01 28.25 15.34
O8 PS1 H . 13.17 27.40 16.14
C8 PS1 H . 12.79 27.87 13.87
C9 PS1 H . 13.74 28.70 13.00
O9 PS1 H . 11.74 30.73 17.52
C17 PS1 H . 10.97 29.71 18.09
O10 PS1 H . 10.95 28.63 17.59
C18 PS1 H . 10.14 29.99 19.33
C19 PS1 H . 8.64 30.06 18.99
C20 PS1 H . 8.08 28.66 18.74
C21 PS1 H . 8.09 27.85 20.03
#